data_5YQ2
#
_entry.id   5YQ2
#
_cell.length_a   120.223
_cell.length_b   120.223
_cell.length_c   170.124
_cell.angle_alpha   90.000
_cell.angle_beta   90.000
_cell.angle_gamma   120.000
#
_symmetry.space_group_name_H-M   'P 31 2 1'
#
loop_
_entity.id
_entity.type
_entity.pdbx_description
1 polymer 'Aminopeptidase N'
2 non-polymer 'ZINC ION'
3 non-polymer (2R,3R,4S,5S)-4-AMINO-2-[6-(DIMETHYLAMINO)-9H-PURIN-9-YL]-5-(HYDROXYMETHYL)TETRAHYDRO-3-FURANOL
4 non-polymer GLYCEROL
5 non-polymer 'MALONATE ION'
6 water water
#
_entity_poly.entity_id   1
_entity_poly.type   'polypeptide(L)'
_entity_poly.pdbx_seq_one_letter_code
;MGSSHHHHHHSSGLVPRGSHMMTQQPQAKYRHDYRAPDYQITDIDLTFDLDAQKTVVTAVSQAVRHGASDAPLRLNGEDL
KLVSVHINDEPWTAWKEEEGALVISNLPERFTLKIINEISPAANTALEGLYQSGDALCTQCEAEGFRHITYYLDRPDVLA
RFTTKIIADKIKYPFLLSNGNRVAQGELENGRHWVQWQDPFPKPCYLFALVAGDFDVLRDTFTTRSGREVALELYVDRGN
LDRAPWAMTSLKNSMKWDEERFGLEYDLDIYMIVAVDFFNMGAMENKGLNIFNSKYVLARTDTATDKDYLDIERVIGHEY
FHNWTGNRVTCRDWFQLSLKEGLTVFRDQEFSSDLGSRAVNRINNVRTMRGLQFAEDASPMAHPIRPDMVIEMNNFYTLT
VYEKGAEVIRMIHTLLGEENFQKGMQLYFERHDGSAATCDDFVQAMEDASNVDLSHFRRWYSQSGTPIVTVKDDYNPETE
QYTLTISQRTPATPDQAEKQPLHIPFAIELYDNEGKVIPLQKGGHPVNSVLNVTQAEQTFVFDNVYFQPVPALLCEFSAP
VKLEYKWSDQQLTFLMRHARNDFSRWDAAQSLLATYIKLNVARHQQGQPLSLPVHVADAFRAVLLDEKIDPALAAEILTL
PSVNEMAELFDIIDPIAIAEVREALTRTLATELADELLAIYNANYQSEYRVEHEDIAKRTLRNACLRFLAFGETHLADVL
VSKQFHEANNMTDALAALSAAVAAQLPCRDALMQEYDDKWHQNGLVMDKWFILQATSPAANVLETVRGLLQHRSFTMSNP
NRIRSLIGAFAGSNPAAFHAEDGSGYLFLVEMLTDLNSRNPQVASRLIEPLIRLKRYDAKRQEKMRAALEQLKGLENLSG
DLYEKITKALA
;
_entity_poly.pdbx_strand_id   A
#
# COMPACT_ATOMS: atom_id res chain seq x y z
N PRO A 26 18.43 -14.63 -14.70
CA PRO A 26 18.21 -13.17 -14.48
C PRO A 26 19.18 -12.66 -13.41
N GLN A 27 19.85 -11.54 -13.67
CA GLN A 27 21.01 -11.14 -12.89
C GLN A 27 20.52 -9.96 -11.98
N ALA A 28 20.97 -10.06 -10.80
CA ALA A 28 20.76 -8.99 -9.85
C ALA A 28 21.48 -7.72 -10.18
N LYS A 29 20.90 -6.57 -9.86
CA LYS A 29 21.50 -5.28 -9.82
C LYS A 29 21.72 -4.81 -8.41
N TYR A 30 22.80 -4.10 -8.19
CA TYR A 30 23.22 -3.64 -6.89
C TYR A 30 23.33 -2.19 -6.72
N ARG A 31 22.81 -1.67 -5.60
CA ARG A 31 22.81 -0.26 -5.32
C ARG A 31 24.22 0.36 -5.38
N HIS A 32 25.20 -0.41 -4.85
CA HIS A 32 26.54 0.13 -4.78
C HIS A 32 27.19 0.28 -6.16
N ASP A 33 26.60 -0.33 -7.16
CA ASP A 33 27.06 -0.27 -8.58
C ASP A 33 26.57 0.95 -9.28
N TYR A 34 25.75 1.79 -8.67
CA TYR A 34 25.25 2.99 -9.39
C TYR A 34 26.40 3.83 -9.88
N ARG A 35 26.27 4.25 -11.14
CA ARG A 35 27.12 5.24 -11.73
C ARG A 35 26.38 6.19 -12.66
N ALA A 36 26.80 7.42 -12.65
CA ALA A 36 26.12 8.44 -13.48
C ALA A 36 26.17 7.97 -14.96
N PRO A 37 25.11 8.30 -15.70
CA PRO A 37 25.05 7.81 -17.09
C PRO A 37 26.11 8.44 -18.03
N ASP A 38 26.55 7.58 -18.96
CA ASP A 38 27.49 8.06 -19.99
C ASP A 38 26.89 9.04 -20.95
N TYR A 39 25.54 8.98 -21.13
CA TYR A 39 24.82 9.90 -21.99
C TYR A 39 23.56 10.40 -21.30
N GLN A 40 23.21 11.64 -21.53
CA GLN A 40 21.92 12.21 -21.12
C GLN A 40 21.08 12.42 -22.35
N ILE A 41 19.81 12.47 -22.18
CA ILE A 41 18.82 12.95 -23.10
C ILE A 41 18.18 14.17 -22.49
N THR A 42 18.06 15.24 -23.25
CA THR A 42 17.50 16.47 -22.79
C THR A 42 16.06 16.71 -23.18
N ASP A 43 15.67 16.21 -24.35
CA ASP A 43 14.42 16.51 -25.01
C ASP A 43 14.07 15.31 -25.82
N ILE A 44 12.82 14.91 -25.82
CA ILE A 44 12.30 13.82 -26.64
C ILE A 44 10.96 14.22 -27.24
N ASP A 45 10.82 14.00 -28.55
CA ASP A 45 9.61 14.22 -29.29
CA ASP A 45 9.62 14.22 -29.35
C ASP A 45 9.13 12.88 -29.80
N LEU A 46 7.99 12.50 -29.37
CA LEU A 46 7.37 11.18 -29.67
C LEU A 46 6.24 11.34 -30.58
N THR A 47 6.11 10.46 -31.54
CA THR A 47 4.89 10.35 -32.35
C THR A 47 4.38 8.90 -32.27
N PHE A 48 3.11 8.71 -31.95
CA PHE A 48 2.49 7.44 -31.97
C PHE A 48 1.49 7.32 -33.08
N ASP A 49 1.65 6.35 -33.99
CA ASP A 49 0.57 6.06 -34.91
CA ASP A 49 0.61 6.03 -34.98
C ASP A 49 -0.11 4.86 -34.31
N LEU A 50 -1.17 5.11 -33.63
CA LEU A 50 -1.81 4.18 -32.70
C LEU A 50 -2.71 3.23 -33.36
N ASP A 51 -2.58 1.96 -33.03
CA ASP A 51 -3.44 0.90 -33.48
C ASP A 51 -3.24 -0.24 -32.48
N ALA A 52 -4.31 -0.94 -32.14
CA ALA A 52 -4.18 -1.96 -31.10
C ALA A 52 -3.33 -3.08 -31.61
N GLN A 53 -3.37 -3.49 -32.89
CA GLN A 53 -2.51 -4.52 -33.30
C GLN A 53 -1.10 -4.18 -33.62
N LYS A 54 -0.84 -2.98 -34.15
CA LYS A 54 0.48 -2.56 -34.55
C LYS A 54 0.59 -1.02 -34.41
N THR A 55 1.27 -0.57 -33.35
CA THR A 55 1.47 0.83 -33.13
C THR A 55 2.90 1.16 -33.58
N VAL A 56 3.07 2.24 -34.34
CA VAL A 56 4.37 2.67 -34.76
C VAL A 56 4.82 3.85 -33.95
N VAL A 57 5.98 3.77 -33.31
CA VAL A 57 6.49 4.84 -32.46
C VAL A 57 7.67 5.47 -33.16
N THR A 58 7.68 6.80 -33.32
CA THR A 58 8.84 7.56 -33.82
C THR A 58 9.35 8.40 -32.64
N ALA A 59 10.60 8.26 -32.24
CA ALA A 59 11.15 8.95 -31.05
C ALA A 59 12.39 9.73 -31.49
N VAL A 60 12.31 11.06 -31.37
CA VAL A 60 13.42 11.91 -31.74
C VAL A 60 14.00 12.49 -30.46
N SER A 61 15.20 12.10 -30.08
CA SER A 61 15.77 12.53 -28.80
C SER A 61 16.98 13.38 -28.98
N GLN A 62 17.14 14.40 -28.19
CA GLN A 62 18.35 15.21 -28.22
C GLN A 62 19.29 14.74 -27.14
N ALA A 63 20.47 14.25 -27.49
CA ALA A 63 21.40 13.57 -26.57
C ALA A 63 22.68 14.27 -26.45
N VAL A 64 23.33 14.10 -25.29
CA VAL A 64 24.63 14.70 -24.90
C VAL A 64 25.43 13.62 -24.26
N ARG A 65 26.68 13.44 -24.73
CA ARG A 65 27.62 12.50 -24.13
C ARG A 65 28.35 13.20 -23.00
N HIS A 66 28.34 12.56 -21.82
CA HIS A 66 29.08 12.97 -20.66
C HIS A 66 30.25 12.08 -20.35
N GLY A 67 30.23 10.86 -20.76
CA GLY A 67 31.32 9.93 -20.47
C GLY A 67 32.39 9.98 -21.53
N ALA A 68 33.12 8.87 -21.63
CA ALA A 68 34.25 8.84 -22.52
C ALA A 68 33.83 8.82 -23.95
N SER A 69 34.74 9.37 -24.77
CA SER A 69 34.44 9.49 -26.17
CA SER A 69 34.55 9.50 -26.22
C SER A 69 34.19 8.18 -26.85
N ASP A 70 34.76 7.13 -26.35
CA ASP A 70 34.65 5.84 -26.89
C ASP A 70 33.56 4.95 -26.30
N ALA A 71 32.71 5.51 -25.45
CA ALA A 71 31.69 4.66 -24.75
C ALA A 71 30.37 4.72 -25.66
N PRO A 72 29.80 3.59 -25.86
CA PRO A 72 28.60 3.56 -26.76
C PRO A 72 27.45 4.09 -25.97
N LEU A 73 26.38 4.41 -26.71
CA LEU A 73 25.09 4.71 -26.04
C LEU A 73 24.37 3.36 -25.92
N ARG A 74 23.92 2.99 -24.69
CA ARG A 74 23.25 1.76 -24.43
C ARG A 74 21.80 2.01 -24.08
N LEU A 75 20.89 1.71 -25.00
CA LEU A 75 19.50 2.01 -24.82
C LEU A 75 18.80 0.77 -24.36
N ASN A 76 17.87 0.86 -23.41
CA ASN A 76 17.07 -0.27 -23.04
C ASN A 76 15.85 -0.46 -23.92
N GLY A 77 15.47 -1.67 -24.26
CA GLY A 77 14.26 -1.95 -24.98
C GLY A 77 13.84 -3.34 -24.79
N GLU A 78 12.55 -3.57 -24.77
CA GLU A 78 11.96 -4.89 -24.60
C GLU A 78 10.83 -5.08 -25.56
N ASP A 79 10.89 -6.25 -26.29
CA ASP A 79 9.83 -6.64 -27.24
C ASP A 79 9.47 -5.48 -28.21
N LEU A 80 10.51 -4.92 -28.82
CA LEU A 80 10.33 -3.87 -29.82
C LEU A 80 10.76 -4.37 -31.17
N LYS A 81 10.04 -4.03 -32.21
CA LYS A 81 10.51 -4.29 -33.59
C LYS A 81 11.15 -3.08 -34.14
N LEU A 82 12.46 -3.11 -34.26
CA LEU A 82 13.19 -1.92 -34.73
C LEU A 82 13.01 -1.72 -36.22
N VAL A 83 12.62 -0.54 -36.66
CA VAL A 83 12.49 -0.18 -38.09
C VAL A 83 13.68 0.57 -38.57
N SER A 84 14.12 1.60 -37.82
CA SER A 84 15.25 2.37 -38.26
C SER A 84 15.91 3.16 -37.17
N VAL A 85 17.18 3.49 -37.39
CA VAL A 85 18.03 4.22 -36.46
C VAL A 85 18.68 5.31 -37.26
N HIS A 86 18.52 6.59 -36.93
CA HIS A 86 19.22 7.69 -37.55
C HIS A 86 19.93 8.54 -36.49
N ILE A 87 21.08 9.11 -36.83
CA ILE A 87 21.85 10.02 -35.97
C ILE A 87 22.00 11.25 -36.79
N ASN A 88 21.47 12.41 -36.34
CA ASN A 88 21.44 13.63 -37.17
C ASN A 88 20.93 13.41 -38.59
N ASP A 89 19.90 12.63 -38.69
CA ASP A 89 19.22 12.28 -39.94
C ASP A 89 20.10 11.40 -40.87
N GLU A 90 21.19 10.88 -40.41
CA GLU A 90 21.95 9.91 -41.18
C GLU A 90 21.56 8.47 -40.76
N PRO A 91 21.09 7.60 -41.68
CA PRO A 91 20.90 6.25 -41.32
C PRO A 91 22.14 5.61 -40.75
N TRP A 92 22.03 5.07 -39.57
CA TRP A 92 23.20 4.64 -38.84
C TRP A 92 23.57 3.23 -39.02
N THR A 93 24.88 2.94 -39.20
CA THR A 93 25.33 1.58 -39.34
C THR A 93 26.05 1.00 -38.19
N ALA A 94 26.53 1.86 -37.25
CA ALA A 94 27.32 1.43 -36.10
C ALA A 94 26.46 1.14 -34.91
N TRP A 95 25.71 0.08 -35.00
CA TRP A 95 24.79 -0.31 -33.91
C TRP A 95 24.63 -1.76 -33.89
N LYS A 96 24.23 -2.29 -32.76
CA LYS A 96 23.81 -3.64 -32.61
C LYS A 96 22.70 -3.84 -31.60
N GLU A 97 21.79 -4.76 -31.82
CA GLU A 97 20.84 -5.20 -30.80
C GLU A 97 21.43 -6.34 -30.01
N GLU A 98 21.20 -6.32 -28.71
CA GLU A 98 21.64 -7.39 -27.76
C GLU A 98 20.39 -7.62 -26.85
N GLU A 99 20.41 -8.62 -25.99
CA GLU A 99 19.29 -8.86 -25.10
C GLU A 99 18.94 -7.61 -24.29
N GLY A 100 17.74 -7.19 -24.50
CA GLY A 100 17.26 -6.04 -23.71
C GLY A 100 17.80 -4.68 -24.17
N ALA A 101 18.53 -4.59 -25.30
CA ALA A 101 19.29 -3.37 -25.54
C ALA A 101 19.55 -3.08 -27.01
N LEU A 102 19.70 -1.80 -27.28
CA LEU A 102 20.23 -1.34 -28.58
C LEU A 102 21.46 -0.56 -28.21
N VAL A 103 22.64 -0.94 -28.78
CA VAL A 103 23.97 -0.40 -28.42
C VAL A 103 24.46 0.32 -29.65
N ILE A 104 24.63 1.62 -29.47
CA ILE A 104 24.94 2.51 -30.60
C ILE A 104 26.30 3.11 -30.39
N SER A 105 27.22 2.86 -31.37
CA SER A 105 28.61 3.27 -31.25
C SER A 105 28.97 4.46 -32.13
N ASN A 106 30.14 5.08 -31.82
CA ASN A 106 30.81 6.05 -32.67
C ASN A 106 30.03 7.34 -32.85
N LEU A 107 29.52 7.86 -31.72
CA LEU A 107 28.73 9.07 -31.75
C LEU A 107 29.40 10.35 -31.51
N PRO A 108 28.81 11.43 -32.03
CA PRO A 108 29.31 12.70 -31.65
C PRO A 108 29.00 13.02 -30.18
N GLU A 109 29.54 14.13 -29.70
CA GLU A 109 29.27 14.57 -28.33
C GLU A 109 27.88 14.99 -28.14
N ARG A 110 27.25 15.61 -29.13
CA ARG A 110 25.89 16.10 -29.12
C ARG A 110 25.21 15.65 -30.39
N PHE A 111 23.98 15.14 -30.32
CA PHE A 111 23.34 14.64 -31.53
C PHE A 111 21.89 14.42 -31.40
N THR A 112 21.18 14.26 -32.50
CA THR A 112 19.78 13.92 -32.50
C THR A 112 19.65 12.45 -32.87
N LEU A 113 19.02 11.65 -32.00
CA LEU A 113 18.73 10.26 -32.23
C LEU A 113 17.34 10.12 -32.73
N LYS A 114 17.13 9.40 -33.82
CA LYS A 114 15.75 9.11 -34.27
C LYS A 114 15.59 7.63 -34.34
N ILE A 115 14.66 7.04 -33.58
CA ILE A 115 14.30 5.65 -33.60
C ILE A 115 12.91 5.51 -34.08
N ILE A 116 12.64 4.59 -35.00
CA ILE A 116 11.32 4.14 -35.33
C ILE A 116 11.20 2.69 -35.00
N ASN A 117 10.14 2.30 -34.29
CA ASN A 117 9.91 0.92 -33.90
C ASN A 117 8.45 0.61 -33.75
N GLU A 118 8.11 -0.69 -33.77
CA GLU A 118 6.73 -1.12 -33.70
C GLU A 118 6.53 -1.93 -32.42
N ILE A 119 5.32 -1.78 -31.87
CA ILE A 119 4.85 -2.49 -30.69
C ILE A 119 3.42 -2.95 -30.90
N SER A 120 2.95 -3.87 -30.08
CA SER A 120 1.59 -4.48 -30.31
CA SER A 120 1.61 -4.49 -30.30
C SER A 120 0.78 -4.45 -29.00
N PRO A 121 0.00 -3.41 -28.79
CA PRO A 121 -0.72 -3.30 -27.55
C PRO A 121 -1.63 -4.46 -27.21
N ALA A 122 -2.34 -4.93 -28.23
CA ALA A 122 -3.33 -6.07 -28.07
C ALA A 122 -2.65 -7.27 -27.52
N ALA A 123 -1.38 -7.48 -27.78
CA ALA A 123 -0.66 -8.68 -27.25
C ALA A 123 -0.14 -8.54 -25.86
N ASN A 124 -0.22 -7.35 -25.26
CA ASN A 124 0.42 -7.04 -23.99
C ASN A 124 -0.49 -7.46 -22.88
N THR A 125 -0.34 -8.71 -22.38
CA THR A 125 -1.12 -9.15 -21.26
C THR A 125 -0.49 -8.85 -19.96
N ALA A 126 0.77 -8.47 -19.95
CA ALA A 126 1.45 -8.12 -18.73
C ALA A 126 1.09 -6.76 -18.17
N LEU A 127 0.49 -5.95 -19.02
CA LEU A 127 -0.01 -4.61 -18.60
C LEU A 127 1.13 -3.70 -18.21
N GLU A 128 2.24 -3.76 -18.94
CA GLU A 128 3.47 -3.02 -18.70
C GLU A 128 3.87 -2.42 -20.01
N GLY A 129 3.98 -1.11 -20.15
CA GLY A 129 4.16 -0.47 -21.41
C GLY A 129 2.85 0.09 -21.91
N LEU A 130 2.61 -0.03 -23.24
CA LEU A 130 1.33 0.39 -23.85
C LEU A 130 0.45 -0.84 -24.06
N TYR A 131 -0.73 -0.82 -23.48
CA TYR A 131 -1.60 -1.94 -23.48
C TYR A 131 -3.04 -1.61 -23.66
N GLN A 132 -3.92 -2.56 -23.74
CA GLN A 132 -5.34 -2.32 -23.87
C GLN A 132 -6.07 -2.55 -22.54
N SER A 133 -6.95 -1.64 -22.20
CA SER A 133 -7.85 -1.78 -21.07
C SER A 133 -9.26 -1.68 -21.61
N GLY A 134 -9.91 -2.84 -21.85
CA GLY A 134 -11.19 -2.77 -22.58
C GLY A 134 -10.91 -2.31 -23.99
N ASP A 135 -11.62 -1.22 -24.35
CA ASP A 135 -11.40 -0.68 -25.68
C ASP A 135 -10.39 0.48 -25.67
N ALA A 136 -9.97 0.88 -24.50
CA ALA A 136 -8.98 1.99 -24.38
C ALA A 136 -7.56 1.48 -24.51
N LEU A 137 -6.67 2.34 -24.97
CA LEU A 137 -5.24 2.14 -24.92
C LEU A 137 -4.69 3.06 -23.84
N CYS A 138 -3.82 2.46 -23.01
CA CYS A 138 -3.25 3.17 -21.91
C CYS A 138 -1.84 2.64 -21.59
N THR A 139 -1.11 3.40 -20.79
CA THR A 139 0.26 3.06 -20.43
C THR A 139 0.43 2.78 -18.94
N GLN A 140 1.44 1.94 -18.65
CA GLN A 140 2.05 1.94 -17.28
C GLN A 140 3.54 1.88 -17.50
N CYS A 141 4.28 2.85 -17.07
CA CYS A 141 5.68 2.94 -17.30
C CYS A 141 6.53 2.75 -16.07
N GLU A 142 6.01 2.90 -14.89
CA GLU A 142 6.83 2.62 -13.68
C GLU A 142 6.83 1.15 -13.40
N ALA A 143 8.02 0.53 -13.04
CA ALA A 143 9.32 1.14 -13.00
C ALA A 143 10.04 1.27 -14.31
N GLU A 144 9.97 0.19 -15.09
CA GLU A 144 10.82 0.07 -16.35
C GLU A 144 9.97 -0.29 -17.53
N GLY A 145 8.77 0.33 -17.68
CA GLY A 145 7.89 0.03 -18.76
C GLY A 145 8.08 0.87 -20.02
N PHE A 146 8.74 2.02 -19.89
CA PHE A 146 8.90 2.86 -21.11
C PHE A 146 9.75 2.12 -22.13
N ARG A 147 10.69 1.27 -21.70
CA ARG A 147 11.52 0.51 -22.63
C ARG A 147 10.70 -0.51 -23.42
N HIS A 148 9.45 -0.79 -23.01
CA HIS A 148 8.50 -1.59 -23.81
C HIS A 148 7.82 -0.81 -24.93
N ILE A 149 8.05 0.49 -24.93
CA ILE A 149 7.48 1.38 -25.93
C ILE A 149 8.49 1.84 -26.96
N THR A 150 9.67 2.24 -26.55
CA THR A 150 10.77 2.58 -27.45
C THR A 150 12.10 2.37 -26.82
N TYR A 151 13.21 2.35 -27.59
CA TYR A 151 14.51 2.24 -27.06
C TYR A 151 14.90 3.51 -26.34
N TYR A 152 15.29 3.43 -25.07
CA TYR A 152 15.49 4.69 -24.37
C TYR A 152 16.45 4.49 -23.16
N LEU A 153 16.88 5.61 -22.56
CA LEU A 153 17.62 5.59 -21.31
C LEU A 153 16.55 5.44 -20.20
N ASP A 154 16.15 4.22 -19.98
CA ASP A 154 15.03 3.96 -19.05
C ASP A 154 15.50 3.81 -17.62
N ARG A 155 15.92 4.95 -17.09
CA ARG A 155 16.51 5.09 -15.77
C ARG A 155 16.14 6.46 -15.29
N PRO A 156 15.75 6.61 -13.99
CA PRO A 156 15.10 7.78 -13.55
C PRO A 156 15.96 9.01 -13.28
N ASP A 157 17.30 8.88 -13.41
CA ASP A 157 18.23 9.99 -13.37
C ASP A 157 18.41 10.66 -14.79
N VAL A 158 17.69 10.12 -15.80
CA VAL A 158 17.68 10.79 -17.14
C VAL A 158 16.34 11.52 -17.16
N LEU A 159 16.37 12.83 -17.07
CA LEU A 159 15.20 13.69 -17.13
C LEU A 159 15.17 14.43 -18.46
N ALA A 160 14.04 14.42 -19.12
CA ALA A 160 13.95 15.09 -20.44
C ALA A 160 12.61 15.81 -20.60
N ARG A 161 12.56 16.82 -21.48
CA ARG A 161 11.32 17.48 -21.83
C ARG A 161 10.65 16.74 -22.92
N PHE A 162 9.42 16.32 -22.72
CA PHE A 162 8.62 15.55 -23.68
C PHE A 162 7.66 16.35 -24.49
N THR A 163 7.51 16.03 -25.76
CA THR A 163 6.45 16.41 -26.60
C THR A 163 5.90 15.14 -27.19
N THR A 164 4.57 14.94 -27.21
CA THR A 164 3.95 13.69 -27.65
C THR A 164 2.81 13.98 -28.62
N LYS A 165 2.98 13.47 -29.85
CA LYS A 165 1.96 13.53 -30.83
C LYS A 165 1.31 12.19 -31.00
N ILE A 166 0.02 12.14 -30.98
CA ILE A 166 -0.76 10.90 -30.95
C ILE A 166 -1.74 10.96 -32.17
N ILE A 167 -1.65 9.97 -33.07
CA ILE A 167 -2.46 9.89 -34.29
C ILE A 167 -3.29 8.65 -34.15
N ALA A 168 -4.62 8.71 -34.35
CA ALA A 168 -5.46 7.54 -34.18
C ALA A 168 -6.78 7.65 -34.91
N ASP A 169 -7.47 6.53 -35.03
CA ASP A 169 -8.90 6.60 -35.51
C ASP A 169 -9.80 7.38 -34.65
N LYS A 170 -10.47 8.39 -35.23
CA LYS A 170 -11.22 9.34 -34.43
C LYS A 170 -12.45 8.70 -33.81
N ILE A 171 -13.09 7.74 -34.49
CA ILE A 171 -14.30 7.11 -33.88
C ILE A 171 -13.88 6.20 -32.73
N LYS A 172 -12.86 5.36 -32.91
CA LYS A 172 -12.45 4.51 -31.83
C LYS A 172 -11.80 5.28 -30.63
N TYR A 173 -11.03 6.33 -30.98
CA TYR A 173 -10.20 7.03 -29.99
C TYR A 173 -10.41 8.54 -30.05
N PRO A 174 -11.58 8.95 -29.64
CA PRO A 174 -11.83 10.40 -29.72
C PRO A 174 -11.06 11.28 -28.82
N PHE A 175 -10.66 10.69 -27.66
CA PHE A 175 -9.77 11.33 -26.72
C PHE A 175 -8.35 10.78 -26.79
N LEU A 176 -7.37 11.66 -27.02
CA LEU A 176 -5.94 11.35 -27.14
C LEU A 176 -5.21 12.20 -26.16
N LEU A 177 -4.76 11.57 -25.07
CA LEU A 177 -4.21 12.30 -23.92
C LEU A 177 -2.75 11.95 -23.68
N SER A 178 -1.96 12.93 -23.35
CA SER A 178 -0.61 12.74 -22.81
C SER A 178 -0.31 13.76 -21.77
N ASN A 179 0.88 13.74 -21.16
CA ASN A 179 1.21 14.71 -20.13
C ASN A 179 1.22 16.16 -20.60
N GLY A 180 0.76 17.07 -19.76
CA GLY A 180 0.92 18.51 -20.07
C GLY A 180 -0.29 19.15 -20.64
N ASN A 181 0.01 20.02 -21.67
CA ASN A 181 -1.05 20.80 -22.33
C ASN A 181 -1.06 20.49 -23.82
N ARG A 182 -2.22 20.69 -24.43
CA ARG A 182 -2.30 20.56 -25.89
C ARG A 182 -1.69 21.71 -26.61
N VAL A 183 -0.83 21.45 -27.54
CA VAL A 183 -0.06 22.44 -28.32
C VAL A 183 -0.49 22.40 -29.79
N ALA A 184 -1.06 21.30 -30.27
CA ALA A 184 -1.38 21.20 -31.73
C ALA A 184 -2.40 20.17 -31.85
N GLN A 185 -3.21 20.23 -32.92
CA GLN A 185 -4.21 19.27 -33.19
C GLN A 185 -4.52 19.27 -34.68
N GLY A 186 -4.97 18.15 -35.20
CA GLY A 186 -5.30 18.10 -36.60
C GLY A 186 -6.17 16.95 -36.97
N GLU A 187 -6.74 17.05 -38.17
CA GLU A 187 -7.49 15.95 -38.76
C GLU A 187 -6.83 15.54 -40.08
N LEU A 188 -6.92 14.25 -40.33
CA LEU A 188 -6.29 13.61 -41.45
C LEU A 188 -7.44 12.95 -42.29
N GLU A 189 -6.98 12.45 -43.42
CA GLU A 189 -7.77 11.45 -44.22
C GLU A 189 -7.97 10.13 -43.49
N ASN A 190 -9.03 9.46 -43.98
CA ASN A 190 -9.33 8.12 -43.63
C ASN A 190 -9.71 8.05 -42.17
N GLY A 191 -10.26 9.14 -41.66
CA GLY A 191 -10.97 9.11 -40.39
C GLY A 191 -10.01 9.17 -39.20
N ARG A 192 -8.80 9.55 -39.42
CA ARG A 192 -7.80 9.70 -38.35
C ARG A 192 -7.70 11.14 -37.93
N HIS A 193 -7.30 11.34 -36.67
CA HIS A 193 -7.05 12.68 -36.14
C HIS A 193 -5.82 12.60 -35.21
N TRP A 194 -5.36 13.76 -34.76
CA TRP A 194 -4.14 13.78 -33.94
C TRP A 194 -4.19 14.93 -32.99
N VAL A 195 -3.49 14.73 -31.86
CA VAL A 195 -3.32 15.75 -30.86
C VAL A 195 -1.88 15.70 -30.40
N GLN A 196 -1.27 16.85 -30.21
CA GLN A 196 0.07 16.91 -29.67
C GLN A 196 0.10 17.65 -28.37
N TRP A 197 0.88 17.09 -27.43
CA TRP A 197 0.96 17.55 -26.07
C TRP A 197 2.40 17.95 -25.75
N GLN A 198 2.56 18.91 -24.84
CA GLN A 198 3.87 19.32 -24.37
C GLN A 198 3.82 19.50 -22.88
N ASP A 199 4.80 18.94 -22.17
CA ASP A 199 4.91 19.13 -20.68
C ASP A 199 6.19 19.85 -20.39
N PRO A 200 6.19 21.06 -19.86
CA PRO A 200 7.39 21.81 -19.70
C PRO A 200 8.40 21.30 -18.71
N PHE A 201 7.96 20.44 -17.79
CA PHE A 201 8.85 19.97 -16.78
C PHE A 201 9.63 18.75 -17.21
N PRO A 202 10.97 18.79 -17.12
CA PRO A 202 11.70 17.56 -17.40
C PRO A 202 11.29 16.43 -16.54
N LYS A 203 11.21 15.24 -17.09
CA LYS A 203 10.79 14.06 -16.32
C LYS A 203 11.57 12.86 -16.73
N PRO A 204 11.75 11.98 -15.78
CA PRO A 204 12.14 10.62 -16.15
C PRO A 204 11.03 9.93 -16.89
N CYS A 205 11.34 8.94 -17.73
CA CYS A 205 10.38 8.30 -18.58
C CYS A 205 9.29 7.51 -17.84
N TYR A 206 9.58 7.11 -16.57
CA TYR A 206 8.57 6.36 -15.83
C TYR A 206 7.32 7.18 -15.61
N LEU A 207 7.42 8.53 -15.76
CA LEU A 207 6.26 9.41 -15.60
C LEU A 207 5.55 9.76 -16.91
N PHE A 208 5.98 9.19 -17.98
CA PHE A 208 5.28 9.34 -19.27
C PHE A 208 3.97 8.62 -19.20
N ALA A 209 2.91 9.23 -19.75
CA ALA A 209 1.65 8.53 -19.96
C ALA A 209 1.00 8.88 -21.29
N LEU A 210 0.25 7.89 -21.76
CA LEU A 210 -0.61 8.05 -22.95
C LEU A 210 -1.90 7.33 -22.72
N VAL A 211 -3.02 7.97 -23.08
CA VAL A 211 -4.33 7.33 -23.05
C VAL A 211 -5.06 7.69 -24.30
N ALA A 212 -5.68 6.69 -24.90
CA ALA A 212 -6.57 6.92 -26.05
C ALA A 212 -7.83 6.14 -25.87
N GLY A 213 -8.95 6.79 -26.10
CA GLY A 213 -10.24 6.05 -25.93
C GLY A 213 -11.44 6.96 -25.98
N ASP A 214 -12.61 6.35 -25.67
CA ASP A 214 -13.87 7.07 -25.56
C ASP A 214 -14.32 7.04 -24.12
N PHE A 215 -14.57 8.21 -23.54
CA PHE A 215 -14.82 8.35 -22.15
C PHE A 215 -15.97 9.36 -21.91
N ASP A 216 -16.61 9.21 -20.76
CA ASP A 216 -17.33 10.30 -20.15
C ASP A 216 -16.29 11.09 -19.33
N VAL A 217 -16.50 12.40 -19.22
CA VAL A 217 -15.57 13.27 -18.63
C VAL A 217 -16.24 14.17 -17.61
N LEU A 218 -15.84 14.10 -16.35
CA LEU A 218 -16.28 15.02 -15.30
C LEU A 218 -15.28 16.13 -15.22
N ARG A 219 -15.75 17.37 -15.41
CA ARG A 219 -14.90 18.57 -15.47
C ARG A 219 -15.14 19.51 -14.36
N ASP A 220 -14.13 20.02 -13.68
CA ASP A 220 -14.25 20.92 -12.56
C ASP A 220 -13.02 21.84 -12.59
N THR A 221 -12.92 22.69 -11.59
CA THR A 221 -11.76 23.60 -11.44
C THR A 221 -11.36 23.69 -10.03
N PHE A 222 -10.08 23.98 -9.81
CA PHE A 222 -9.54 24.31 -8.51
C PHE A 222 -8.73 25.55 -8.65
N THR A 223 -8.93 26.57 -7.82
CA THR A 223 -8.07 27.75 -7.88
C THR A 223 -7.06 27.71 -6.71
N THR A 224 -5.79 27.77 -7.07
CA THR A 224 -4.75 27.62 -6.02
C THR A 224 -4.76 28.84 -5.11
N ARG A 225 -4.05 28.80 -4.01
CA ARG A 225 -4.12 29.91 -3.09
CA ARG A 225 -3.97 29.86 -3.06
C ARG A 225 -3.52 31.16 -3.72
N SER A 226 -2.64 31.05 -4.70
CA SER A 226 -2.01 32.26 -5.37
C SER A 226 -2.81 32.65 -6.54
N GLY A 227 -3.82 31.96 -6.88
CA GLY A 227 -4.80 32.31 -7.96
C GLY A 227 -4.66 31.59 -9.25
N ARG A 228 -3.89 30.50 -9.35
CA ARG A 228 -3.74 29.77 -10.60
C ARG A 228 -5.00 28.90 -10.76
N GLU A 229 -5.75 28.99 -11.83
CA GLU A 229 -6.93 28.21 -12.02
C GLU A 229 -6.49 26.93 -12.75
N VAL A 230 -6.80 25.79 -12.15
CA VAL A 230 -6.48 24.55 -12.74
C VAL A 230 -7.72 23.82 -13.22
N ALA A 231 -7.73 23.33 -14.45
CA ALA A 231 -8.79 22.56 -14.97
C ALA A 231 -8.66 21.13 -14.51
N LEU A 232 -9.66 20.59 -13.89
CA LEU A 232 -9.63 19.19 -13.44
C LEU A 232 -10.51 18.32 -14.26
N GLU A 233 -10.02 17.19 -14.76
CA GLU A 233 -10.73 16.38 -15.70
C GLU A 233 -10.61 14.91 -15.30
N LEU A 234 -11.70 14.28 -14.98
CA LEU A 234 -11.73 12.85 -14.61
C LEU A 234 -12.40 12.12 -15.72
N TYR A 235 -11.70 11.20 -16.36
CA TYR A 235 -12.09 10.40 -17.47
C TYR A 235 -12.49 9.01 -17.03
N VAL A 236 -13.71 8.63 -17.29
CA VAL A 236 -14.29 7.35 -16.90
C VAL A 236 -14.99 6.68 -18.04
N ASP A 237 -15.11 5.35 -17.97
CA ASP A 237 -15.88 4.70 -19.04
C ASP A 237 -17.26 5.26 -19.12
N ARG A 238 -17.74 5.21 -20.38
CA ARG A 238 -19.13 5.66 -20.64
C ARG A 238 -20.10 4.98 -19.69
N GLY A 239 -20.90 5.79 -19.10
CA GLY A 239 -21.94 5.38 -18.17
C GLY A 239 -21.53 5.30 -16.74
N ASN A 240 -20.30 5.75 -16.42
CA ASN A 240 -19.82 5.81 -15.02
C ASN A 240 -19.73 7.17 -14.39
N LEU A 241 -20.29 8.22 -14.95
CA LEU A 241 -20.27 9.52 -14.32
C LEU A 241 -20.93 9.61 -13.02
N ASP A 242 -21.91 8.71 -12.80
CA ASP A 242 -22.60 8.68 -11.55
C ASP A 242 -21.72 8.29 -10.32
N ARG A 243 -20.58 7.72 -10.68
CA ARG A 243 -19.60 7.23 -9.71
C ARG A 243 -18.38 8.14 -9.64
N ALA A 244 -18.35 9.29 -10.28
CA ALA A 244 -17.16 10.11 -10.32
C ALA A 244 -17.02 11.27 -9.35
N PRO A 245 -18.12 11.86 -8.81
CA PRO A 245 -17.94 13.04 -7.98
C PRO A 245 -17.11 12.93 -6.73
N TRP A 246 -17.16 11.78 -6.03
CA TRP A 246 -16.35 11.70 -4.81
C TRP A 246 -14.80 11.79 -5.09
N ALA A 247 -14.41 11.11 -6.15
CA ALA A 247 -12.97 11.17 -6.57
C ALA A 247 -12.58 12.63 -6.87
N MET A 248 -13.48 13.35 -7.59
CA MET A 248 -13.20 14.76 -7.87
C MET A 248 -13.11 15.62 -6.61
N THR A 249 -14.08 15.38 -5.66
CA THR A 249 -14.11 16.02 -4.37
C THR A 249 -12.77 15.85 -3.62
N SER A 250 -12.37 14.53 -3.66
CA SER A 250 -11.14 14.17 -2.98
C SER A 250 -9.94 14.81 -3.61
N LEU A 251 -9.92 14.98 -4.95
CA LEU A 251 -8.80 15.67 -5.60
C LEU A 251 -8.70 17.12 -5.10
N LYS A 252 -9.86 17.79 -5.10
CA LYS A 252 -9.84 19.16 -4.62
C LYS A 252 -9.41 19.24 -3.10
N ASN A 253 -9.88 18.28 -2.28
CA ASN A 253 -9.47 18.26 -0.93
C ASN A 253 -7.95 18.08 -0.79
N SER A 254 -7.39 17.19 -1.61
CA SER A 254 -5.95 16.95 -1.63
CA SER A 254 -5.96 16.96 -1.52
C SER A 254 -5.17 18.19 -1.99
N MET A 255 -5.66 18.88 -3.03
CA MET A 255 -4.98 20.09 -3.41
C MET A 255 -4.98 21.15 -2.33
N LYS A 256 -6.14 21.38 -1.73
CA LYS A 256 -6.24 22.29 -0.63
C LYS A 256 -5.37 21.94 0.60
N TRP A 257 -5.37 20.64 0.95
CA TRP A 257 -4.60 20.24 2.05
C TRP A 257 -3.11 20.40 1.84
N ASP A 258 -2.61 20.05 0.65
CA ASP A 258 -1.19 20.17 0.40
C ASP A 258 -0.79 21.64 0.53
N GLU A 259 -1.69 22.55 0.12
CA GLU A 259 -1.41 23.99 0.30
C GLU A 259 -1.38 24.34 1.80
N GLU A 260 -2.36 23.93 2.55
CA GLU A 260 -2.48 24.25 3.97
C GLU A 260 -1.33 23.69 4.80
N ARG A 261 -1.08 22.38 4.63
CA ARG A 261 -0.11 21.69 5.48
C ARG A 261 1.36 21.82 5.07
N PHE A 262 1.61 21.67 3.75
CA PHE A 262 2.89 21.69 3.20
C PHE A 262 3.32 22.96 2.36
N GLY A 263 2.36 23.84 2.15
CA GLY A 263 2.60 24.97 1.32
C GLY A 263 2.87 24.75 -0.13
N LEU A 264 2.33 23.67 -0.65
CA LEU A 264 2.66 23.26 -2.06
C LEU A 264 1.39 23.39 -2.84
N GLU A 265 1.60 24.02 -4.04
CA GLU A 265 0.59 24.23 -5.04
C GLU A 265 0.85 23.44 -6.31
N TYR A 266 -0.25 23.06 -6.97
CA TYR A 266 -0.14 22.47 -8.32
C TYR A 266 0.55 23.44 -9.25
N ASP A 267 1.29 22.85 -10.19
CA ASP A 267 2.23 23.60 -11.06
C ASP A 267 1.93 23.63 -12.55
N LEU A 268 0.79 23.03 -12.90
CA LEU A 268 0.31 22.93 -14.28
C LEU A 268 -1.08 23.48 -14.38
N ASP A 269 -1.56 23.56 -15.62
CA ASP A 269 -2.82 24.16 -15.92
C ASP A 269 -4.02 23.15 -15.96
N ILE A 270 -3.72 21.84 -16.13
CA ILE A 270 -4.69 20.84 -16.30
C ILE A 270 -4.21 19.72 -15.35
N TYR A 271 -5.17 19.10 -14.68
CA TYR A 271 -4.93 17.85 -13.91
C TYR A 271 -5.91 16.82 -14.45
N MET A 272 -5.40 15.78 -15.12
CA MET A 272 -6.22 14.72 -15.66
C MET A 272 -6.03 13.42 -14.87
N ILE A 273 -7.13 12.74 -14.61
CA ILE A 273 -7.16 11.38 -14.00
C ILE A 273 -7.94 10.52 -14.96
N VAL A 274 -7.46 9.32 -15.28
CA VAL A 274 -8.20 8.38 -16.11
C VAL A 274 -8.39 7.10 -15.27
N ALA A 275 -9.65 6.65 -15.16
CA ALA A 275 -9.92 5.39 -14.48
C ALA A 275 -10.01 4.26 -15.43
N VAL A 276 -9.13 3.25 -15.27
CA VAL A 276 -9.14 2.08 -16.14
C VAL A 276 -9.40 0.84 -15.37
N ASP A 277 -10.03 -0.14 -16.02
CA ASP A 277 -10.42 -1.37 -15.29
C ASP A 277 -9.28 -2.38 -15.20
N PHE A 278 -8.30 -2.32 -16.09
CA PHE A 278 -7.22 -3.27 -16.19
C PHE A 278 -5.92 -2.57 -15.78
N PHE A 279 -5.43 -2.86 -14.56
CA PHE A 279 -4.28 -2.10 -14.00
C PHE A 279 -3.66 -2.97 -12.92
N ASN A 280 -2.31 -3.08 -12.95
CA ASN A 280 -1.64 -3.93 -11.96
C ASN A 280 -1.42 -3.31 -10.63
N MET A 281 -1.27 -2.05 -10.58
CA MET A 281 -1.09 -1.40 -9.32
CA MET A 281 -1.25 -1.61 -9.23
C MET A 281 -2.55 -0.88 -8.88
N GLY A 282 -2.44 0.14 -8.19
CA GLY A 282 -3.35 0.87 -7.62
C GLY A 282 -3.63 2.09 -8.45
N ALA A 283 -2.63 2.91 -8.48
CA ALA A 283 -2.77 4.12 -9.31
C ALA A 283 -1.37 4.65 -9.59
N MET A 284 -1.21 5.66 -10.48
CA MET A 284 0.09 6.07 -10.93
C MET A 284 0.11 7.59 -11.13
N GLU A 285 1.13 8.23 -10.59
CA GLU A 285 1.27 9.70 -10.54
C GLU A 285 1.87 10.38 -11.83
N ASN A 286 1.58 9.80 -13.00
CA ASN A 286 2.21 10.37 -14.24
C ASN A 286 1.86 11.87 -14.22
N LYS A 287 2.85 12.72 -14.58
CA LYS A 287 2.72 14.23 -14.42
C LYS A 287 1.51 14.73 -15.18
N GLY A 288 0.57 15.29 -14.46
CA GLY A 288 -0.63 15.89 -15.06
C GLY A 288 -1.60 14.96 -15.68
N LEU A 289 -1.34 13.65 -15.65
CA LEU A 289 -2.18 12.63 -16.35
C LEU A 289 -2.04 11.33 -15.52
N ASN A 290 -2.68 11.34 -14.35
CA ASN A 290 -2.62 10.14 -13.49
C ASN A 290 -3.50 9.08 -14.13
N ILE A 291 -3.08 7.80 -14.00
CA ILE A 291 -3.86 6.69 -14.45
C ILE A 291 -4.14 5.86 -13.17
N PHE A 292 -5.42 5.57 -12.95
CA PHE A 292 -5.90 4.93 -11.71
C PHE A 292 -6.62 3.63 -12.05
N ASN A 293 -6.40 2.57 -11.26
CA ASN A 293 -7.30 1.48 -11.27
C ASN A 293 -8.70 2.05 -10.86
N SER A 294 -9.75 1.67 -11.60
CA SER A 294 -11.07 2.14 -11.26
CA SER A 294 -11.11 2.07 -11.29
C SER A 294 -11.51 1.84 -9.86
N LYS A 295 -10.93 0.86 -9.19
CA LYS A 295 -11.25 0.61 -7.77
C LYS A 295 -10.96 1.76 -6.88
N TYR A 296 -10.03 2.65 -7.28
CA TYR A 296 -9.62 3.75 -6.49
C TYR A 296 -10.16 5.06 -7.07
N VAL A 297 -11.21 5.00 -7.83
CA VAL A 297 -11.98 6.14 -8.37
C VAL A 297 -13.48 5.98 -8.17
N LEU A 298 -14.08 4.88 -8.58
CA LEU A 298 -15.55 4.82 -8.76
C LEU A 298 -16.27 4.49 -7.48
N ALA A 299 -17.19 5.37 -7.08
CA ALA A 299 -17.95 5.08 -5.83
C ALA A 299 -19.33 5.77 -5.94
N ARG A 300 -20.34 5.07 -5.47
CA ARG A 300 -21.64 5.70 -5.17
C ARG A 300 -22.14 4.95 -3.95
N THR A 301 -23.17 5.47 -3.26
CA THR A 301 -23.55 4.94 -1.95
C THR A 301 -24.03 3.47 -2.05
N ASP A 302 -24.56 3.02 -3.18
CA ASP A 302 -25.06 1.66 -3.24
CA ASP A 302 -25.03 1.66 -3.22
C ASP A 302 -23.97 0.67 -3.69
N THR A 303 -22.82 1.18 -4.13
CA THR A 303 -21.72 0.31 -4.71
C THR A 303 -20.46 0.29 -3.85
N ALA A 304 -20.28 1.23 -2.99
CA ALA A 304 -18.99 1.46 -2.31
C ALA A 304 -19.21 1.58 -0.85
N THR A 305 -18.32 1.00 -0.02
CA THR A 305 -18.41 1.11 1.40
C THR A 305 -17.68 2.32 1.91
N ASP A 306 -17.81 2.65 3.18
CA ASP A 306 -17.06 3.73 3.84
C ASP A 306 -15.59 3.53 3.60
N LYS A 307 -15.15 2.29 3.77
CA LYS A 307 -13.72 2.01 3.58
C LYS A 307 -13.33 2.32 2.09
N ASP A 308 -14.14 1.95 1.13
CA ASP A 308 -13.86 2.31 -0.27
C ASP A 308 -13.74 3.85 -0.43
N TYR A 309 -14.67 4.54 0.17
CA TYR A 309 -14.63 6.01 0.08
C TYR A 309 -13.30 6.55 0.62
N LEU A 310 -12.92 6.11 1.79
CA LEU A 310 -11.69 6.54 2.44
C LEU A 310 -10.44 6.02 1.69
N ASP A 311 -10.48 4.87 1.06
CA ASP A 311 -9.36 4.42 0.22
C ASP A 311 -9.24 5.28 -1.05
N ILE A 312 -10.38 5.65 -1.64
CA ILE A 312 -10.32 6.58 -2.83
C ILE A 312 -9.69 7.87 -2.35
N GLU A 313 -10.12 8.44 -1.23
CA GLU A 313 -9.53 9.63 -0.70
C GLU A 313 -8.02 9.46 -0.54
N ARG A 314 -7.61 8.36 0.09
CA ARG A 314 -6.19 8.08 0.31
C ARG A 314 -5.36 8.03 -0.99
N VAL A 315 -5.85 7.30 -1.99
CA VAL A 315 -5.08 7.09 -3.20
C VAL A 315 -5.12 8.29 -4.12
N ILE A 316 -6.27 8.94 -4.24
CA ILE A 316 -6.31 10.26 -4.93
C ILE A 316 -5.29 11.16 -4.30
N GLY A 317 -5.28 11.33 -2.97
CA GLY A 317 -4.31 12.08 -2.30
C GLY A 317 -2.92 11.67 -2.59
N HIS A 318 -2.65 10.41 -2.42
CA HIS A 318 -1.29 9.87 -2.60
C HIS A 318 -0.71 10.28 -3.97
N GLU A 319 -1.46 10.04 -5.04
CA GLU A 319 -0.93 10.33 -6.37
C GLU A 319 -0.75 11.83 -6.53
N TYR A 320 -1.68 12.63 -5.99
CA TYR A 320 -1.51 14.09 -6.07
C TYR A 320 -0.26 14.54 -5.35
N PHE A 321 -0.04 13.99 -4.16
CA PHE A 321 1.09 14.33 -3.34
C PHE A 321 2.47 14.05 -4.01
N HIS A 322 2.47 12.99 -4.84
CA HIS A 322 3.65 12.68 -5.61
C HIS A 322 4.03 13.83 -6.57
N ASN A 323 3.11 14.75 -6.89
CA ASN A 323 3.49 15.80 -7.82
C ASN A 323 4.72 16.53 -7.33
N TRP A 324 4.88 16.72 -6.02
CA TRP A 324 6.10 17.19 -5.43
C TRP A 324 7.04 16.13 -5.01
N THR A 325 6.55 15.15 -4.19
CA THR A 325 7.43 14.11 -3.67
C THR A 325 7.41 12.94 -4.58
N GLY A 326 8.19 13.04 -5.69
CA GLY A 326 8.28 12.04 -6.68
C GLY A 326 8.47 12.66 -8.08
N ASN A 327 7.73 13.75 -8.38
CA ASN A 327 7.79 14.29 -9.78
C ASN A 327 8.74 15.50 -9.78
N ARG A 328 8.39 16.58 -9.02
CA ARG A 328 9.30 17.73 -8.99
C ARG A 328 10.67 17.40 -8.43
N VAL A 329 10.72 16.48 -7.41
CA VAL A 329 11.96 15.83 -7.03
C VAL A 329 11.71 14.34 -7.26
N THR A 330 12.52 13.73 -8.11
CA THR A 330 12.42 12.30 -8.45
C THR A 330 13.53 11.46 -7.81
N CYS A 331 13.62 10.25 -8.24
CA CYS A 331 14.57 9.27 -7.69
C CYS A 331 15.77 9.12 -8.60
N ARG A 332 16.98 9.18 -8.01
CA ARG A 332 18.22 9.00 -8.80
C ARG A 332 18.27 7.61 -9.43
N ASP A 333 17.81 6.62 -8.70
CA ASP A 333 17.80 5.23 -9.12
C ASP A 333 16.71 4.48 -8.35
N TRP A 334 16.37 3.26 -8.77
CA TRP A 334 15.22 2.58 -8.14
C TRP A 334 15.46 2.12 -6.76
N PHE A 335 16.73 1.98 -6.37
CA PHE A 335 16.97 1.64 -4.98
C PHE A 335 16.55 2.76 -4.05
N GLN A 336 16.36 3.99 -4.54
CA GLN A 336 15.89 5.15 -3.79
C GLN A 336 14.33 5.24 -3.83
N LEU A 337 13.62 4.17 -4.18
CA LEU A 337 12.17 4.23 -4.29
C LEU A 337 11.52 4.80 -3.04
N SER A 338 11.98 4.43 -1.87
CA SER A 338 11.32 4.94 -0.65
C SER A 338 11.41 6.42 -0.48
N LEU A 339 12.42 7.06 -1.10
CA LEU A 339 12.54 8.52 -1.11
C LEU A 339 11.19 9.13 -1.52
N LYS A 340 10.54 8.61 -2.54
CA LYS A 340 9.22 9.05 -2.93
C LYS A 340 8.09 8.32 -2.24
N GLU A 341 8.25 7.00 -2.01
CA GLU A 341 7.10 6.26 -1.47
C GLU A 341 6.94 6.34 0.03
N GLY A 342 7.96 6.30 0.80
CA GLY A 342 7.84 6.50 2.24
C GLY A 342 7.29 7.86 2.50
N LEU A 343 7.83 8.87 1.83
CA LEU A 343 7.39 10.26 2.08
C LEU A 343 6.01 10.50 1.57
N THR A 344 5.61 9.91 0.42
CA THR A 344 4.25 10.12 -0.10
C THR A 344 3.20 9.36 0.75
N VAL A 345 3.54 8.14 1.21
CA VAL A 345 2.65 7.46 2.13
C VAL A 345 2.55 8.25 3.42
N PHE A 346 3.60 8.79 3.94
CA PHE A 346 3.49 9.66 5.12
C PHE A 346 2.54 10.81 4.87
N ARG A 347 2.68 11.44 3.72
CA ARG A 347 1.78 12.53 3.35
C ARG A 347 0.35 12.04 3.22
N ASP A 348 0.06 10.92 2.59
CA ASP A 348 -1.30 10.38 2.46
C ASP A 348 -1.89 10.11 3.86
N GLN A 349 -1.05 9.60 4.74
CA GLN A 349 -1.52 9.33 6.09
C GLN A 349 -1.89 10.61 6.84
N GLU A 350 -1.03 11.60 6.74
CA GLU A 350 -1.27 12.90 7.35
C GLU A 350 -2.50 13.56 6.78
N PHE A 351 -2.74 13.47 5.50
CA PHE A 351 -3.92 13.94 4.83
C PHE A 351 -5.16 13.27 5.39
N SER A 352 -5.21 11.93 5.38
CA SER A 352 -6.33 11.25 5.90
C SER A 352 -6.53 11.58 7.35
N SER A 353 -5.49 11.58 8.13
CA SER A 353 -5.55 11.81 9.57
C SER A 353 -6.06 13.21 9.90
N ASP A 354 -5.61 14.21 9.15
CA ASP A 354 -6.09 15.58 9.41
C ASP A 354 -7.53 15.64 9.01
N LEU A 355 -7.97 15.15 7.91
CA LEU A 355 -9.36 15.26 7.47
C LEU A 355 -10.31 14.46 8.30
N GLY A 356 -9.86 13.26 8.73
CA GLY A 356 -10.71 12.28 9.42
C GLY A 356 -10.31 12.14 10.90
N SER A 357 -10.41 10.86 11.30
CA SER A 357 -10.02 10.49 12.66
C SER A 357 -8.55 10.16 12.71
N ARG A 358 -7.73 10.96 13.37
CA ARG A 358 -6.32 10.64 13.44
C ARG A 358 -6.11 9.29 14.15
N ALA A 359 -6.84 9.08 15.22
CA ALA A 359 -6.63 7.82 15.90
C ALA A 359 -7.03 6.64 15.14
N VAL A 360 -8.13 6.61 14.38
CA VAL A 360 -8.53 5.46 13.62
C VAL A 360 -7.44 5.23 12.51
N ASN A 361 -6.99 6.30 11.84
CA ASN A 361 -5.90 6.17 10.88
C ASN A 361 -4.67 5.56 11.50
N ARG A 362 -4.22 6.05 12.63
CA ARG A 362 -2.96 5.58 13.24
C ARG A 362 -3.17 4.07 13.58
N ILE A 363 -4.31 3.76 14.21
CA ILE A 363 -4.63 2.36 14.59
C ILE A 363 -4.52 1.46 13.34
N ASN A 364 -5.16 1.82 12.21
CA ASN A 364 -5.20 0.95 11.10
C ASN A 364 -3.78 0.90 10.39
N ASN A 365 -2.99 1.98 10.45
CA ASN A 365 -1.66 1.91 9.88
C ASN A 365 -0.75 1.04 10.73
N VAL A 366 -1.00 1.01 12.05
CA VAL A 366 -0.22 0.13 12.92
C VAL A 366 -0.66 -1.28 12.73
N ARG A 367 -1.94 -1.57 12.56
CA ARG A 367 -2.38 -2.93 12.21
C ARG A 367 -1.61 -3.45 10.94
N THR A 368 -1.50 -2.63 9.91
CA THR A 368 -0.76 -2.99 8.73
C THR A 368 0.70 -3.28 9.00
N MET A 369 1.30 -2.42 9.74
CA MET A 369 2.73 -2.56 10.12
C MET A 369 2.97 -3.86 10.85
N ARG A 370 2.25 -4.04 11.94
CA ARG A 370 2.53 -5.23 12.81
C ARG A 370 1.94 -6.44 12.15
N GLY A 371 0.85 -6.47 11.46
CA GLY A 371 0.32 -7.66 10.88
C GLY A 371 0.78 -8.14 9.53
N LEU A 372 1.19 -7.21 8.69
CA LEU A 372 1.63 -7.49 7.35
C LEU A 372 3.11 -7.14 7.12
N GLN A 373 3.56 -5.96 7.49
CA GLN A 373 4.94 -5.56 7.27
C GLN A 373 5.93 -6.33 8.07
N PHE A 374 5.62 -6.58 9.34
CA PHE A 374 6.56 -7.37 10.15
C PHE A 374 6.71 -8.79 9.52
N ALA A 375 5.66 -9.32 8.96
CA ALA A 375 5.79 -10.69 8.29
C ALA A 375 6.74 -10.65 7.14
N GLU A 376 6.72 -9.53 6.40
CA GLU A 376 7.64 -9.44 5.32
C GLU A 376 9.06 -9.36 5.82
N ASP A 377 9.31 -8.63 6.90
CA ASP A 377 10.62 -8.39 7.48
C ASP A 377 11.22 -9.66 8.15
N ALA A 378 10.34 -10.62 8.33
CA ALA A 378 10.70 -11.98 8.92
C ALA A 378 10.74 -12.99 7.76
N SER A 379 10.68 -12.58 6.48
CA SER A 379 10.53 -13.53 5.37
C SER A 379 11.81 -13.51 4.55
N PRO A 380 11.84 -14.48 3.61
CA PRO A 380 13.00 -14.50 2.68
C PRO A 380 13.12 -13.31 1.76
N MET A 381 12.04 -12.52 1.65
CA MET A 381 12.12 -11.33 0.83
C MET A 381 12.44 -10.12 1.65
N ALA A 382 12.87 -10.26 2.91
CA ALA A 382 13.23 -9.08 3.70
C ALA A 382 14.23 -8.17 3.03
N HIS A 383 14.06 -6.84 3.15
CA HIS A 383 14.94 -5.88 2.61
C HIS A 383 14.91 -4.61 3.38
N PRO A 384 15.95 -3.83 3.40
CA PRO A 384 15.91 -2.47 4.00
C PRO A 384 14.97 -1.58 3.15
N ILE A 385 14.50 -0.48 3.75
CA ILE A 385 13.64 0.45 2.99
C ILE A 385 14.36 0.99 1.76
N ARG A 386 15.66 1.04 1.80
CA ARG A 386 16.55 1.36 0.59
C ARG A 386 17.17 0.02 0.23
N PRO A 387 16.66 -0.74 -0.66
CA PRO A 387 17.28 -2.06 -0.96
C PRO A 387 18.70 -1.91 -1.50
N ASP A 388 19.43 -3.03 -1.30
CA ASP A 388 20.80 -3.14 -1.84
C ASP A 388 20.88 -4.04 -3.06
N MET A 389 19.95 -4.92 -3.35
CA MET A 389 20.02 -5.95 -4.37
C MET A 389 18.61 -6.17 -4.89
N VAL A 390 18.45 -6.01 -6.21
CA VAL A 390 17.15 -6.25 -6.83
C VAL A 390 17.34 -7.02 -8.13
N ILE A 391 16.55 -8.05 -8.37
CA ILE A 391 16.47 -8.72 -9.64
C ILE A 391 15.41 -8.12 -10.50
N GLU A 392 14.18 -8.05 -9.99
CA GLU A 392 13.04 -7.45 -10.70
C GLU A 392 12.52 -6.29 -9.81
N MET A 393 12.70 -5.04 -10.26
CA MET A 393 12.26 -3.91 -9.46
C MET A 393 10.77 -3.90 -9.21
N ASN A 394 9.94 -4.51 -10.01
CA ASN A 394 8.53 -4.53 -9.71
C ASN A 394 8.19 -5.35 -8.47
N ASN A 395 9.16 -6.14 -7.98
CA ASN A 395 9.00 -6.90 -6.72
C ASN A 395 9.27 -6.03 -5.52
N PHE A 396 9.69 -4.79 -5.64
CA PHE A 396 10.09 -3.97 -4.51
C PHE A 396 9.13 -2.76 -4.20
N TYR A 397 7.91 -2.92 -4.73
CA TYR A 397 6.82 -1.99 -4.35
C TYR A 397 6.08 -2.55 -3.17
N THR A 398 6.76 -2.53 -2.02
CA THR A 398 6.46 -3.42 -0.89
C THR A 398 5.90 -2.63 0.32
N LEU A 399 5.29 -3.46 1.19
CA LEU A 399 4.97 -3.02 2.52
C LEU A 399 6.13 -2.38 3.20
N THR A 400 7.38 -2.92 3.02
CA THR A 400 8.55 -2.31 3.54
C THR A 400 8.85 -0.90 3.01
N VAL A 401 8.96 -0.84 1.67
CA VAL A 401 9.35 0.41 1.06
C VAL A 401 8.34 1.54 1.30
N TYR A 402 7.07 1.14 1.24
CA TYR A 402 5.91 2.02 1.43
C TYR A 402 5.64 2.32 2.90
N GLU A 403 5.13 1.32 3.60
CA GLU A 403 4.62 1.52 4.97
C GLU A 403 5.68 1.63 5.96
N LYS A 404 6.73 0.78 5.95
CA LYS A 404 7.86 1.00 6.86
C LYS A 404 8.61 2.28 6.52
N GLY A 405 8.69 2.54 5.19
CA GLY A 405 9.22 3.82 4.72
C GLY A 405 8.59 4.99 5.37
N ALA A 406 7.26 4.95 5.42
CA ALA A 406 6.52 6.03 6.05
C ALA A 406 6.76 6.09 7.55
N GLU A 407 6.88 4.92 8.20
CA GLU A 407 7.24 4.97 9.62
C GLU A 407 8.58 5.59 9.85
N VAL A 408 9.56 5.44 8.93
CA VAL A 408 10.82 6.06 9.03
C VAL A 408 10.70 7.61 8.89
N ILE A 409 9.94 8.08 7.92
CA ILE A 409 9.63 9.50 7.82
C ILE A 409 8.97 10.02 9.09
N ARG A 410 8.02 9.24 9.60
CA ARG A 410 7.30 9.60 10.84
C ARG A 410 8.23 9.73 12.04
N MET A 411 9.23 8.86 12.05
CA MET A 411 10.24 8.94 13.12
C MET A 411 11.05 10.24 13.03
N ILE A 412 11.40 10.65 11.78
CA ILE A 412 12.04 11.96 11.60
C ILE A 412 11.14 13.05 12.09
N HIS A 413 9.87 13.01 11.75
CA HIS A 413 8.87 13.97 12.30
C HIS A 413 8.82 13.94 13.82
N THR A 414 8.92 12.78 14.49
CA THR A 414 8.90 12.66 15.91
C THR A 414 10.16 13.33 16.53
N LEU A 415 11.31 13.10 15.91
CA LEU A 415 12.58 13.61 16.38
C LEU A 415 12.67 15.13 16.18
N LEU A 416 12.10 15.64 15.11
CA LEU A 416 12.26 17.04 14.80
C LEU A 416 11.13 17.93 15.26
N GLY A 417 9.89 17.47 15.25
CA GLY A 417 8.73 18.30 15.42
C GLY A 417 8.28 18.85 14.08
N GLU A 418 7.02 19.20 14.04
CA GLU A 418 6.38 19.71 12.82
C GLU A 418 7.18 20.89 12.23
N GLU A 419 7.50 21.88 13.04
CA GLU A 419 8.07 23.09 12.49
C GLU A 419 9.45 22.79 11.84
N ASN A 420 10.34 22.04 12.49
CA ASN A 420 11.63 21.70 11.93
C ASN A 420 11.43 20.72 10.76
N PHE A 421 10.46 19.82 10.83
CA PHE A 421 10.19 18.90 9.70
C PHE A 421 9.84 19.71 8.46
N GLN A 422 8.98 20.70 8.58
CA GLN A 422 8.59 21.51 7.40
C GLN A 422 9.78 22.33 6.95
N LYS A 423 10.65 22.85 7.86
CA LYS A 423 11.86 23.49 7.39
C LYS A 423 12.73 22.51 6.55
N GLY A 424 12.80 21.24 6.95
CA GLY A 424 13.49 20.24 6.18
C GLY A 424 12.88 20.00 4.81
N MET A 425 11.54 19.88 4.77
CA MET A 425 10.84 19.76 3.50
C MET A 425 11.21 20.90 2.57
N GLN A 426 11.18 22.07 3.14
CA GLN A 426 11.45 23.29 2.34
C GLN A 426 12.88 23.31 1.83
N LEU A 427 13.86 22.92 2.64
CA LEU A 427 15.25 22.78 2.18
C LEU A 427 15.44 21.72 1.13
N TYR A 428 14.76 20.59 1.32
CA TYR A 428 14.76 19.53 0.34
C TYR A 428 14.32 19.99 -1.03
N PHE A 429 13.23 20.74 -1.09
CA PHE A 429 12.75 21.23 -2.41
C PHE A 429 13.67 22.32 -2.89
N GLU A 430 14.16 23.19 -2.03
CA GLU A 430 15.08 24.29 -2.50
C GLU A 430 16.28 23.67 -3.15
N ARG A 431 16.90 22.66 -2.57
CA ARG A 431 18.08 22.01 -3.05
C ARG A 431 17.85 21.12 -4.27
N HIS A 432 16.73 20.43 -4.34
CA HIS A 432 16.57 19.33 -5.24
C HIS A 432 15.46 19.44 -6.31
N ASP A 433 14.66 20.51 -6.24
CA ASP A 433 13.62 20.72 -7.27
C ASP A 433 14.26 20.64 -8.65
N GLY A 434 13.60 19.91 -9.50
CA GLY A 434 14.01 19.69 -10.87
C GLY A 434 15.07 18.66 -11.09
N SER A 435 15.36 17.84 -10.07
CA SER A 435 16.40 16.84 -10.10
C SER A 435 15.95 15.49 -9.57
N ALA A 436 16.79 14.49 -9.82
CA ALA A 436 16.65 13.19 -9.26
C ALA A 436 17.54 13.05 -8.03
N ALA A 437 17.02 12.72 -6.86
CA ALA A 437 17.75 12.75 -5.63
C ALA A 437 17.76 11.36 -4.98
N THR A 438 18.46 11.29 -3.85
CA THR A 438 18.59 10.03 -3.10
C THR A 438 17.99 10.19 -1.68
N CYS A 439 17.73 9.02 -1.09
CA CYS A 439 17.28 9.00 0.31
C CYS A 439 18.25 9.77 1.17
N ASP A 440 19.54 9.61 0.99
CA ASP A 440 20.49 10.34 1.80
C ASP A 440 20.37 11.84 1.65
N ASP A 441 20.10 12.36 0.42
CA ASP A 441 19.83 13.73 0.25
C ASP A 441 18.71 14.25 1.11
N PHE A 442 17.59 13.50 1.16
CA PHE A 442 16.48 13.85 1.94
C PHE A 442 16.81 13.94 3.44
N VAL A 443 17.50 12.91 3.92
CA VAL A 443 17.92 12.94 5.35
C VAL A 443 18.82 14.13 5.63
N GLN A 444 19.79 14.39 4.70
CA GLN A 444 20.67 15.52 4.93
C GLN A 444 19.90 16.85 5.02
N ALA A 445 18.86 17.02 4.15
CA ALA A 445 18.09 18.23 4.20
C ALA A 445 17.39 18.39 5.54
N MET A 446 16.83 17.31 6.10
CA MET A 446 16.19 17.33 7.36
C MET A 446 17.24 17.68 8.43
N GLU A 447 18.39 17.01 8.44
CA GLU A 447 19.45 17.25 9.39
C GLU A 447 19.91 18.71 9.30
N ASP A 448 20.18 19.21 8.13
CA ASP A 448 20.72 20.55 8.02
C ASP A 448 19.71 21.61 8.39
N ALA A 449 18.42 21.50 8.08
CA ALA A 449 17.42 22.49 8.35
C ALA A 449 17.12 22.55 9.86
N SER A 450 17.14 21.39 10.54
CA SER A 450 16.75 21.28 11.91
C SER A 450 17.87 21.39 12.87
N ASN A 451 19.10 21.11 12.52
CA ASN A 451 20.20 20.94 13.41
C ASN A 451 20.08 19.74 14.32
N VAL A 452 19.25 18.76 13.94
CA VAL A 452 19.20 17.47 14.63
C VAL A 452 20.06 16.50 13.92
N ASP A 453 20.95 15.81 14.66
CA ASP A 453 21.90 14.91 14.09
C ASP A 453 21.20 13.57 13.69
N LEU A 454 21.19 13.27 12.42
CA LEU A 454 20.53 12.05 11.89
C LEU A 454 21.54 11.07 11.32
N SER A 455 22.83 11.18 11.75
CA SER A 455 23.82 10.26 11.29
CA SER A 455 23.81 10.27 11.29
C SER A 455 23.55 8.80 11.68
N HIS A 456 23.28 8.61 12.96
CA HIS A 456 22.91 7.26 13.38
C HIS A 456 21.58 6.83 12.81
N PHE A 457 20.70 7.79 12.77
CA PHE A 457 19.36 7.51 12.24
C PHE A 457 19.35 6.88 10.86
N ARG A 458 20.32 7.30 10.06
CA ARG A 458 20.48 6.75 8.66
C ARG A 458 20.53 5.26 8.57
N ARG A 459 20.92 4.56 9.66
CA ARG A 459 20.91 3.12 9.63
C ARG A 459 19.53 2.49 9.37
N TRP A 460 18.45 3.24 9.69
CA TRP A 460 17.10 2.74 9.33
C TRP A 460 16.92 2.48 7.87
N TYR A 461 17.71 3.18 7.04
CA TYR A 461 17.67 2.99 5.56
C TYR A 461 18.38 1.77 5.06
N SER A 462 19.42 1.34 5.81
CA SER A 462 20.27 0.24 5.36
C SER A 462 20.11 -1.06 6.04
N GLN A 463 19.37 -1.09 7.15
CA GLN A 463 19.21 -2.31 7.91
C GLN A 463 17.82 -2.88 7.79
N SER A 464 17.66 -4.13 7.47
CA SER A 464 16.39 -4.78 7.38
C SER A 464 16.00 -5.45 8.71
N GLY A 465 14.80 -5.97 8.76
CA GLY A 465 14.30 -6.67 9.95
C GLY A 465 13.69 -5.73 11.00
N THR A 466 12.92 -6.30 11.93
CA THR A 466 12.19 -5.58 12.96
C THR A 466 12.99 -5.55 14.25
N PRO A 467 13.35 -4.45 14.78
CA PRO A 467 14.01 -4.38 16.10
C PRO A 467 13.01 -4.88 17.14
N ILE A 468 13.58 -5.56 18.14
CA ILE A 468 12.90 -6.01 19.38
C ILE A 468 13.44 -5.13 20.49
N VAL A 469 12.51 -4.38 21.11
CA VAL A 469 12.81 -3.47 22.20
C VAL A 469 12.23 -4.01 23.52
N THR A 470 13.15 -4.35 24.41
CA THR A 470 12.78 -4.98 25.73
C THR A 470 12.88 -3.93 26.80
N VAL A 471 11.85 -3.83 27.63
CA VAL A 471 11.75 -2.81 28.63
C VAL A 471 11.50 -3.48 30.05
N LYS A 472 12.37 -3.12 30.95
CA LYS A 472 12.18 -3.48 32.41
C LYS A 472 12.08 -2.19 33.17
N ASP A 473 11.38 -2.24 34.30
CA ASP A 473 11.20 -1.05 35.10
C ASP A 473 11.37 -1.24 36.59
N ASP A 474 11.66 -0.16 37.27
CA ASP A 474 11.84 -0.21 38.76
C ASP A 474 11.36 1.09 39.31
N TYR A 475 10.59 1.01 40.40
CA TYR A 475 10.16 2.17 41.10
C TYR A 475 10.76 2.20 42.49
N ASN A 476 11.50 3.26 42.82
CA ASN A 476 12.16 3.40 44.15
C ASN A 476 11.42 4.43 44.99
N PRO A 477 10.63 3.90 46.02
CA PRO A 477 9.79 4.77 46.82
C PRO A 477 10.67 5.67 47.76
N GLU A 478 11.83 5.17 48.06
CA GLU A 478 12.79 5.97 48.93
C GLU A 478 13.22 7.22 48.20
N THR A 479 13.58 7.09 46.94
CA THR A 479 14.05 8.26 46.20
C THR A 479 13.04 8.95 45.25
N GLU A 480 11.89 8.30 45.05
CA GLU A 480 10.81 8.74 44.17
C GLU A 480 11.34 8.79 42.74
N GLN A 481 12.09 7.77 42.42
CA GLN A 481 12.68 7.67 41.04
C GLN A 481 12.09 6.48 40.37
N TYR A 482 11.89 6.65 39.06
CA TYR A 482 11.39 5.58 38.24
C TYR A 482 12.49 5.28 37.18
N THR A 483 12.89 4.05 37.03
CA THR A 483 13.97 3.71 36.11
C THR A 483 13.45 2.76 35.07
N LEU A 484 13.68 3.13 33.78
CA LEU A 484 13.41 2.23 32.70
C LEU A 484 14.74 1.71 32.15
N THR A 485 14.89 0.41 32.05
CA THR A 485 16.02 -0.27 31.45
C THR A 485 15.57 -0.81 30.13
N ILE A 486 16.13 -0.24 29.02
CA ILE A 486 15.63 -0.52 27.66
C ILE A 486 16.77 -1.12 26.84
N SER A 487 16.49 -2.25 26.24
CA SER A 487 17.48 -2.91 25.36
CA SER A 487 17.46 -3.02 25.41
C SER A 487 16.87 -3.07 24.03
N GLN A 488 17.75 -3.18 23.06
CA GLN A 488 17.33 -3.45 21.67
C GLN A 488 18.22 -4.47 21.01
N ARG A 489 17.64 -5.20 20.10
CA ARG A 489 18.41 -6.01 19.11
C ARG A 489 17.50 -6.32 17.95
N THR A 490 18.13 -6.48 16.78
CA THR A 490 17.46 -6.91 15.60
C THR A 490 18.07 -8.29 15.27
N PRO A 491 17.23 -9.25 15.14
CA PRO A 491 17.77 -10.57 14.74
C PRO A 491 18.26 -10.54 13.34
N ALA A 492 19.19 -11.40 13.01
CA ALA A 492 19.63 -11.48 11.62
C ALA A 492 18.46 -11.83 10.78
N THR A 493 18.55 -11.41 9.49
CA THR A 493 17.50 -11.75 8.49
C THR A 493 18.23 -12.50 7.34
N PRO A 494 17.45 -13.11 6.42
CA PRO A 494 18.03 -13.91 5.37
C PRO A 494 18.97 -13.12 4.50
N ASP A 495 18.71 -11.82 4.38
CA ASP A 495 19.50 -10.94 3.57
C ASP A 495 20.70 -10.25 4.18
N GLN A 496 20.80 -10.27 5.50
CA GLN A 496 21.80 -9.58 6.28
C GLN A 496 22.14 -10.34 7.54
N ALA A 497 23.44 -10.74 7.59
CA ALA A 497 23.91 -11.45 8.77
C ALA A 497 24.39 -10.55 9.90
N GLU A 498 24.57 -9.27 9.68
CA GLU A 498 25.10 -8.37 10.65
C GLU A 498 24.01 -7.29 10.88
N LYS A 499 23.78 -7.04 12.17
CA LYS A 499 22.86 -6.00 12.64
C LYS A 499 23.51 -5.15 13.66
N GLN A 500 23.13 -3.89 13.79
CA GLN A 500 23.63 -2.95 14.74
C GLN A 500 22.44 -2.16 15.35
N PRO A 501 22.62 -1.55 16.57
CA PRO A 501 21.57 -0.77 17.16
C PRO A 501 21.17 0.40 16.27
N LEU A 502 19.85 0.70 16.34
CA LEU A 502 19.27 1.87 15.66
C LEU A 502 19.04 3.00 16.58
N HIS A 503 18.77 4.19 16.01
CA HIS A 503 18.29 5.35 16.75
C HIS A 503 16.82 5.29 16.83
N ILE A 504 16.32 4.74 17.95
CA ILE A 504 14.91 4.44 18.12
C ILE A 504 14.23 5.53 18.97
N PRO A 505 13.36 6.34 18.41
CA PRO A 505 12.58 7.31 19.22
C PRO A 505 11.47 6.59 19.96
N PHE A 506 11.63 6.58 21.29
CA PHE A 506 10.80 5.74 22.16
C PHE A 506 9.99 6.60 23.07
N ALA A 507 8.79 6.83 22.69
CA ALA A 507 7.87 7.79 23.43
C ALA A 507 7.18 7.15 24.61
N ILE A 508 7.18 7.86 25.72
CA ILE A 508 6.53 7.27 26.94
C ILE A 508 5.60 8.32 27.54
N GLU A 509 4.73 7.83 28.45
CA GLU A 509 3.93 8.65 29.32
CA GLU A 509 3.91 8.66 29.29
C GLU A 509 3.79 7.86 30.58
N LEU A 510 3.87 8.55 31.72
CA LEU A 510 3.73 7.87 33.03
C LEU A 510 2.43 8.33 33.67
N TYR A 511 1.63 7.41 34.17
CA TYR A 511 0.34 7.69 34.77
C TYR A 511 0.31 7.36 36.27
N ASP A 512 -0.16 8.33 37.03
CA ASP A 512 -0.40 8.14 38.49
C ASP A 512 -1.66 7.33 38.76
N ASN A 513 -2.03 7.16 40.07
CA ASN A 513 -3.13 6.25 40.38
C ASN A 513 -4.48 6.80 40.07
N GLU A 514 -4.57 8.10 39.85
CA GLU A 514 -5.78 8.72 39.34
C GLU A 514 -5.90 8.81 37.87
N GLY A 515 -4.92 8.29 37.13
CA GLY A 515 -4.98 8.51 35.68
C GLY A 515 -4.40 9.77 35.07
N LYS A 516 -3.69 10.53 35.87
CA LYS A 516 -3.15 11.85 35.48
C LYS A 516 -1.70 11.58 35.07
N VAL A 517 -1.25 12.33 34.07
CA VAL A 517 0.09 12.21 33.57
C VAL A 517 1.09 12.80 34.55
N ILE A 518 2.14 12.11 34.89
CA ILE A 518 3.19 12.55 35.80
C ILE A 518 4.21 13.31 34.95
N PRO A 519 4.53 14.55 35.33
CA PRO A 519 5.61 15.22 34.61
C PRO A 519 6.95 14.53 34.62
N LEU A 520 7.57 14.37 33.42
CA LEU A 520 8.87 13.83 33.29
C LEU A 520 9.98 14.77 33.56
N GLN A 521 10.84 14.41 34.48
CA GLN A 521 11.92 15.30 34.88
C GLN A 521 13.04 14.58 35.43
N LYS A 522 14.21 15.24 35.44
CA LYS A 522 15.34 14.68 36.03
C LYS A 522 16.29 15.77 36.54
N GLY A 523 16.71 15.72 37.80
CA GLY A 523 17.73 16.71 38.36
C GLY A 523 17.18 18.11 38.24
N GLY A 524 15.89 18.29 38.41
CA GLY A 524 15.26 19.59 38.42
C GLY A 524 14.90 20.21 37.09
N HIS A 525 14.91 19.44 36.01
CA HIS A 525 14.64 19.94 34.68
C HIS A 525 13.70 19.00 33.99
N PRO A 526 12.76 19.51 33.22
CA PRO A 526 12.06 18.58 32.30
C PRO A 526 12.93 17.75 31.34
N VAL A 527 12.41 16.56 31.03
CA VAL A 527 13.00 15.61 30.12
C VAL A 527 11.94 15.42 29.03
N ASN A 528 12.42 15.38 27.78
CA ASN A 528 11.53 15.12 26.71
C ASN A 528 10.93 13.67 26.88
N SER A 529 9.70 13.53 26.47
CA SER A 529 9.02 12.23 26.57
C SER A 529 9.35 11.27 25.42
N VAL A 530 10.07 11.78 24.41
CA VAL A 530 10.67 10.89 23.37
C VAL A 530 12.05 10.54 23.78
N LEU A 531 12.23 9.32 24.29
CA LEU A 531 13.51 8.86 24.66
C LEU A 531 14.39 8.41 23.46
N ASN A 532 15.66 8.76 23.46
CA ASN A 532 16.55 8.35 22.37
C ASN A 532 17.23 7.03 22.76
N VAL A 533 16.62 5.98 22.28
CA VAL A 533 17.10 4.62 22.50
C VAL A 533 18.08 4.32 21.40
N THR A 534 19.37 4.57 21.73
CA THR A 534 20.43 4.46 20.65
C THR A 534 21.48 3.36 20.86
N GLN A 535 21.40 2.72 22.06
CA GLN A 535 22.34 1.70 22.43
C GLN A 535 21.72 0.35 22.53
N ALA A 536 22.51 -0.72 22.65
CA ALA A 536 22.01 -2.02 22.87
C ALA A 536 21.33 -2.10 24.24
N GLU A 537 21.82 -1.37 25.21
CA GLU A 537 21.18 -1.31 26.53
C GLU A 537 21.45 0.03 27.12
N GLN A 538 20.45 0.58 27.78
CA GLN A 538 20.57 1.82 28.43
C GLN A 538 19.54 1.95 29.54
N THR A 539 19.78 2.88 30.46
CA THR A 539 18.83 3.20 31.49
C THR A 539 18.43 4.61 31.41
N PHE A 540 17.19 4.90 31.72
CA PHE A 540 16.64 6.23 31.87
C PHE A 540 16.00 6.38 33.25
N VAL A 541 16.39 7.42 33.97
CA VAL A 541 15.95 7.61 35.35
C VAL A 541 15.17 8.87 35.40
N PHE A 542 13.99 8.78 36.05
CA PHE A 542 13.10 9.91 36.16
C PHE A 542 12.89 10.23 37.64
N ASP A 543 12.92 11.55 37.98
CA ASP A 543 12.82 12.01 39.41
C ASP A 543 11.47 12.57 39.66
N ASN A 544 11.19 12.80 40.96
CA ASN A 544 9.90 13.40 41.34
C ASN A 544 8.68 12.62 40.75
N VAL A 545 8.88 11.27 40.87
CA VAL A 545 7.81 10.38 40.48
C VAL A 545 7.15 9.93 41.82
N TYR A 546 6.06 10.58 42.08
CA TYR A 546 5.54 10.62 43.47
C TYR A 546 4.64 9.40 43.72
N PHE A 547 4.36 8.63 42.70
CA PHE A 547 3.53 7.44 42.79
C PHE A 547 4.09 6.43 41.80
N GLN A 548 3.99 5.16 42.12
CA GLN A 548 4.43 4.13 41.21
C GLN A 548 3.64 4.24 39.91
N PRO A 549 4.32 4.43 38.73
CA PRO A 549 3.52 4.73 37.61
C PRO A 549 3.02 3.51 36.86
N VAL A 550 1.96 3.69 36.07
CA VAL A 550 1.60 2.80 34.98
C VAL A 550 2.16 3.45 33.72
N PRO A 551 3.08 2.79 33.06
CA PRO A 551 3.61 3.44 31.84
C PRO A 551 2.82 3.13 30.61
N ALA A 552 2.73 4.12 29.72
CA ALA A 552 2.34 3.93 28.35
C ALA A 552 3.67 3.99 27.55
N LEU A 553 3.99 2.92 26.82
CA LEU A 553 5.30 2.71 26.17
C LEU A 553 5.10 2.64 24.64
N LEU A 554 6.11 3.17 23.99
CA LEU A 554 6.06 3.25 22.48
C LEU A 554 4.82 3.90 22.02
N CYS A 555 4.56 5.09 22.64
CA CYS A 555 3.31 5.85 22.45
C CYS A 555 3.13 6.24 20.93
N GLU A 556 1.91 6.04 20.43
CA GLU A 556 1.54 6.26 19.05
C GLU A 556 2.40 5.39 18.12
N PHE A 557 2.96 4.28 18.59
CA PHE A 557 3.83 3.41 17.78
C PHE A 557 4.98 4.23 17.29
N SER A 558 5.76 4.78 18.20
CA SER A 558 6.75 5.82 17.88
C SER A 558 7.93 5.32 17.09
N ALA A 559 8.11 4.00 16.97
CA ALA A 559 9.17 3.42 16.15
C ALA A 559 8.64 2.06 15.75
N PRO A 560 9.03 1.51 14.60
CA PRO A 560 8.47 0.28 14.06
C PRO A 560 9.16 -0.92 14.60
N VAL A 561 8.83 -1.20 15.84
CA VAL A 561 9.55 -2.22 16.57
C VAL A 561 8.57 -3.09 17.35
N LYS A 562 9.06 -4.27 17.77
CA LYS A 562 8.34 -5.18 18.66
C LYS A 562 8.64 -4.82 20.08
N LEU A 563 7.62 -4.63 20.87
CA LEU A 563 7.87 -4.23 22.27
C LEU A 563 7.63 -5.40 23.17
N GLU A 564 8.62 -5.62 24.00
CA GLU A 564 8.67 -6.70 25.07
CA GLU A 564 8.54 -6.67 25.07
C GLU A 564 8.60 -6.01 26.42
N TYR A 565 7.44 -6.00 27.05
CA TYR A 565 7.27 -5.49 28.42
C TYR A 565 6.36 -6.44 29.14
N LYS A 566 6.67 -6.77 30.41
CA LYS A 566 5.83 -7.68 31.16
C LYS A 566 4.61 -6.97 31.84
N TRP A 567 3.63 -6.67 31.00
CA TRP A 567 2.41 -6.04 31.38
C TRP A 567 1.58 -6.93 32.40
N SER A 568 1.05 -6.36 33.45
CA SER A 568 -0.11 -7.02 34.10
C SER A 568 -1.36 -6.76 33.38
N ASP A 569 -2.39 -7.63 33.59
CA ASP A 569 -3.68 -7.33 32.99
C ASP A 569 -4.25 -6.02 33.47
N GLN A 570 -4.10 -5.73 34.81
CA GLN A 570 -4.63 -4.57 35.37
C GLN A 570 -3.90 -3.27 34.84
N GLN A 571 -2.65 -3.35 34.53
CA GLN A 571 -1.98 -2.14 33.93
C GLN A 571 -2.62 -1.86 32.59
N LEU A 572 -2.96 -2.89 31.89
CA LEU A 572 -3.51 -2.72 30.52
C LEU A 572 -4.91 -2.24 30.63
N THR A 573 -5.79 -2.76 31.49
CA THR A 573 -7.14 -2.20 31.62
C THR A 573 -7.17 -0.80 32.19
N PHE A 574 -6.20 -0.46 32.99
CA PHE A 574 -6.01 0.88 33.46
C PHE A 574 -5.76 1.83 32.28
N LEU A 575 -4.87 1.43 31.42
CA LEU A 575 -4.62 2.27 30.21
C LEU A 575 -5.82 2.36 29.35
N MET A 576 -6.60 1.29 29.17
CA MET A 576 -7.79 1.33 28.36
C MET A 576 -8.78 2.39 28.91
N ARG A 577 -8.77 2.56 30.23
CA ARG A 577 -9.69 3.56 30.87
C ARG A 577 -9.11 4.93 30.89
N HIS A 578 -7.83 5.09 31.05
CA HIS A 578 -7.22 6.40 31.35
C HIS A 578 -6.25 7.03 30.42
N ALA A 579 -5.71 6.29 29.45
CA ALA A 579 -4.62 6.83 28.68
C ALA A 579 -5.15 8.05 27.87
N ARG A 580 -4.26 9.04 27.76
CA ARG A 580 -4.64 10.35 27.18
C ARG A 580 -4.91 10.21 25.66
N ASN A 581 -4.10 9.42 24.92
CA ASN A 581 -4.27 9.35 23.50
C ASN A 581 -5.11 8.16 23.16
N ASP A 582 -6.09 8.29 22.30
CA ASP A 582 -6.93 7.18 21.93
C ASP A 582 -6.14 6.00 21.45
N PHE A 583 -5.07 6.23 20.67
CA PHE A 583 -4.24 5.09 20.16
C PHE A 583 -3.79 4.22 21.31
N SER A 584 -3.31 4.83 22.42
CA SER A 584 -2.79 4.06 23.55
C SER A 584 -3.88 3.17 24.18
N ARG A 585 -5.10 3.65 24.21
CA ARG A 585 -6.20 2.87 24.74
C ARG A 585 -6.44 1.60 23.89
N TRP A 586 -6.44 1.75 22.57
CA TRP A 586 -6.53 0.66 21.66
C TRP A 586 -5.36 -0.29 21.80
N ASP A 587 -4.16 0.26 21.86
CA ASP A 587 -2.94 -0.58 21.88
C ASP A 587 -2.93 -1.42 23.18
N ALA A 588 -3.36 -0.79 24.24
CA ALA A 588 -3.43 -1.57 25.53
C ALA A 588 -4.41 -2.74 25.40
N ALA A 589 -5.54 -2.54 24.79
CA ALA A 589 -6.46 -3.63 24.50
C ALA A 589 -5.84 -4.70 23.65
N GLN A 590 -5.00 -4.29 22.67
CA GLN A 590 -4.32 -5.28 21.85
C GLN A 590 -3.31 -6.13 22.66
N SER A 591 -2.61 -5.49 23.55
CA SER A 591 -1.65 -6.17 24.42
C SER A 591 -2.43 -7.11 25.34
N LEU A 592 -3.54 -6.71 25.78
CA LEU A 592 -4.35 -7.60 26.73
C LEU A 592 -4.85 -8.78 25.97
N LEU A 593 -5.36 -8.62 24.74
CA LEU A 593 -5.84 -9.73 23.97
C LEU A 593 -4.70 -10.63 23.57
N ALA A 594 -3.51 -10.10 23.22
CA ALA A 594 -2.42 -10.93 22.72
C ALA A 594 -2.12 -12.10 23.68
N THR A 595 -2.08 -11.82 24.99
CA THR A 595 -1.81 -12.90 26.00
C THR A 595 -2.79 -14.03 25.84
N TYR A 596 -4.02 -13.72 25.65
CA TYR A 596 -5.08 -14.70 25.58
C TYR A 596 -5.28 -15.34 24.26
N ILE A 597 -4.90 -14.66 23.16
CA ILE A 597 -4.79 -15.31 21.88
C ILE A 597 -3.72 -16.40 21.93
N LYS A 598 -2.56 -16.09 22.49
CA LYS A 598 -1.47 -17.05 22.59
C LYS A 598 -1.91 -18.26 23.44
N LEU A 599 -2.51 -17.90 24.60
CA LEU A 599 -2.99 -19.02 25.49
C LEU A 599 -3.90 -19.91 24.73
N ASN A 600 -4.91 -19.38 24.03
CA ASN A 600 -5.98 -20.19 23.40
C ASN A 600 -5.50 -20.92 22.17
N VAL A 601 -4.47 -20.38 21.43
CA VAL A 601 -3.87 -21.17 20.33
C VAL A 601 -3.19 -22.41 20.89
N ALA A 602 -2.43 -22.27 21.99
CA ALA A 602 -1.81 -23.42 22.58
C ALA A 602 -2.90 -24.45 23.04
N ARG A 603 -3.96 -23.95 23.64
CA ARG A 603 -5.07 -24.83 24.04
C ARG A 603 -5.66 -25.55 22.86
N HIS A 604 -5.90 -24.83 21.75
CA HIS A 604 -6.51 -25.44 20.58
C HIS A 604 -5.62 -26.59 20.09
N GLN A 605 -4.34 -26.46 20.12
CA GLN A 605 -3.40 -27.53 19.63
C GLN A 605 -3.49 -28.77 20.52
N GLN A 606 -3.96 -28.57 21.75
CA GLN A 606 -4.21 -29.72 22.69
C GLN A 606 -5.68 -30.12 22.76
N GLY A 607 -6.54 -29.60 21.88
CA GLY A 607 -7.90 -29.90 21.83
C GLY A 607 -8.75 -29.39 22.98
N GLN A 608 -8.36 -28.25 23.58
CA GLN A 608 -9.04 -27.72 24.75
C GLN A 608 -9.74 -26.42 24.29
N PRO A 609 -10.87 -26.12 24.92
CA PRO A 609 -11.67 -24.98 24.48
C PRO A 609 -11.17 -23.66 25.01
N LEU A 610 -11.76 -22.58 24.48
CA LEU A 610 -11.32 -21.25 24.86
C LEU A 610 -11.46 -21.03 26.34
N SER A 611 -10.49 -20.36 26.95
CA SER A 611 -10.46 -19.89 28.30
C SER A 611 -10.20 -18.39 28.32
N LEU A 612 -11.02 -17.64 29.05
CA LEU A 612 -10.88 -16.14 29.04
C LEU A 612 -11.29 -15.70 30.39
N PRO A 613 -10.42 -14.99 31.13
CA PRO A 613 -10.84 -14.51 32.44
C PRO A 613 -12.01 -13.62 32.41
N VAL A 614 -12.83 -13.68 33.43
CA VAL A 614 -13.96 -12.75 33.58
C VAL A 614 -13.52 -11.30 33.48
N HIS A 615 -12.39 -10.94 34.09
CA HIS A 615 -11.99 -9.53 34.12
C HIS A 615 -11.63 -9.03 32.69
N VAL A 616 -11.23 -9.93 31.76
CA VAL A 616 -10.96 -9.57 30.39
C VAL A 616 -12.23 -9.25 29.72
N ALA A 617 -13.24 -10.10 29.76
CA ALA A 617 -14.51 -9.81 29.15
C ALA A 617 -15.07 -8.46 29.73
N ASP A 618 -14.87 -8.25 31.02
CA ASP A 618 -15.41 -7.07 31.67
C ASP A 618 -14.77 -5.83 31.08
N ALA A 619 -13.49 -5.93 30.69
CA ALA A 619 -12.85 -4.71 30.12
C ALA A 619 -13.54 -4.32 28.80
N PHE A 620 -13.95 -5.26 27.97
CA PHE A 620 -14.64 -4.99 26.72
C PHE A 620 -16.06 -4.56 26.97
N ARG A 621 -16.74 -5.11 28.01
CA ARG A 621 -18.03 -4.62 28.39
C ARG A 621 -17.93 -3.15 28.74
N ALA A 622 -16.91 -2.75 29.52
CA ALA A 622 -16.78 -1.36 29.92
C ALA A 622 -16.65 -0.42 28.69
N VAL A 623 -15.98 -0.92 27.66
CA VAL A 623 -15.79 -0.07 26.48
C VAL A 623 -17.13 0.09 25.78
N LEU A 624 -17.94 -0.95 25.71
CA LEU A 624 -19.26 -0.90 25.08
C LEU A 624 -20.21 0.05 25.79
N LEU A 625 -20.15 0.13 27.09
CA LEU A 625 -21.05 0.97 27.86
C LEU A 625 -20.49 2.35 28.19
N ASP A 626 -19.27 2.71 27.77
CA ASP A 626 -18.67 3.99 28.17
C ASP A 626 -19.26 5.04 27.32
N GLU A 627 -19.93 5.98 27.94
CA GLU A 627 -20.61 7.01 27.15
C GLU A 627 -19.63 8.01 26.64
N LYS A 628 -18.48 8.15 27.24
CA LYS A 628 -17.59 9.23 26.89
C LYS A 628 -16.58 8.86 25.78
N ILE A 629 -16.39 7.58 25.49
CA ILE A 629 -15.41 7.19 24.50
C ILE A 629 -15.91 7.57 23.11
N ASP A 630 -14.97 8.02 22.29
CA ASP A 630 -15.35 8.18 20.86
C ASP A 630 -15.83 6.92 20.24
N PRO A 631 -16.94 6.87 19.53
CA PRO A 631 -17.38 5.65 18.88
C PRO A 631 -16.33 5.08 17.90
N ALA A 632 -15.55 5.99 17.30
CA ALA A 632 -14.45 5.58 16.36
C ALA A 632 -13.48 4.71 17.11
N LEU A 633 -13.14 5.10 18.31
CA LEU A 633 -12.19 4.30 19.13
C LEU A 633 -12.80 3.03 19.66
N ALA A 634 -14.03 3.13 20.15
CA ALA A 634 -14.71 1.94 20.62
C ALA A 634 -14.79 0.93 19.55
N ALA A 635 -15.10 1.33 18.30
CA ALA A 635 -15.26 0.36 17.24
C ALA A 635 -13.94 -0.43 16.98
N GLU A 636 -12.83 0.26 17.01
CA GLU A 636 -11.52 -0.38 16.82
C GLU A 636 -11.16 -1.33 17.96
N ILE A 637 -11.46 -0.93 19.18
CA ILE A 637 -11.20 -1.81 20.33
C ILE A 637 -12.07 -3.07 20.18
N LEU A 638 -13.28 -2.92 19.64
CA LEU A 638 -14.17 -4.02 19.37
C LEU A 638 -14.05 -4.76 18.07
N THR A 639 -12.97 -4.48 17.34
CA THR A 639 -12.54 -5.17 16.16
C THR A 639 -11.32 -6.03 16.48
N LEU A 640 -11.54 -7.35 16.52
CA LEU A 640 -10.46 -8.20 16.94
C LEU A 640 -9.31 -8.15 15.96
N PRO A 641 -8.10 -8.40 16.49
CA PRO A 641 -6.96 -8.49 15.56
C PRO A 641 -7.20 -9.44 14.48
N SER A 642 -6.77 -9.19 13.20
CA SER A 642 -7.02 -10.01 12.14
C SER A 642 -6.13 -11.32 12.28
N VAL A 643 -6.40 -12.30 11.47
CA VAL A 643 -5.60 -13.55 11.51
C VAL A 643 -4.17 -13.26 11.19
N ASN A 644 -3.91 -12.23 10.38
CA ASN A 644 -2.51 -11.75 10.21
C ASN A 644 -1.84 -11.11 11.31
N GLU A 645 -2.51 -10.18 12.04
CA GLU A 645 -2.02 -9.62 13.22
C GLU A 645 -1.80 -10.78 14.25
N MET A 646 -2.75 -11.73 14.26
CA MET A 646 -2.51 -12.80 15.21
C MET A 646 -1.30 -13.65 14.92
N ALA A 647 -1.13 -13.95 13.68
CA ALA A 647 0.08 -14.74 13.25
C ALA A 647 1.36 -14.11 13.72
N GLU A 648 1.46 -12.78 13.79
CA GLU A 648 2.70 -12.05 14.20
C GLU A 648 3.13 -12.34 15.63
N LEU A 649 2.15 -12.80 16.45
CA LEU A 649 2.41 -13.08 17.83
C LEU A 649 3.21 -14.41 17.99
N PHE A 650 3.36 -15.21 16.98
CA PHE A 650 3.88 -16.57 17.05
C PHE A 650 5.17 -16.74 16.26
N ASP A 651 6.10 -17.56 16.73
CA ASP A 651 7.21 -17.94 15.82
C ASP A 651 6.79 -18.87 14.77
N ILE A 652 6.20 -19.97 15.14
CA ILE A 652 5.63 -20.88 14.19
C ILE A 652 4.14 -20.64 14.10
N ILE A 653 3.62 -20.39 12.91
CA ILE A 653 2.20 -20.09 12.69
C ILE A 653 1.38 -21.40 12.53
N ASP A 654 0.30 -21.52 13.38
CA ASP A 654 -0.65 -22.51 13.19
C ASP A 654 -1.95 -21.91 12.67
N PRO A 655 -2.11 -21.85 11.34
CA PRO A 655 -3.20 -21.09 10.84
C PRO A 655 -4.59 -21.57 11.11
N ILE A 656 -4.76 -22.91 11.29
CA ILE A 656 -6.06 -23.41 11.65
C ILE A 656 -6.39 -23.06 13.09
N ALA A 657 -5.43 -23.22 13.98
CA ALA A 657 -5.65 -22.81 15.38
C ALA A 657 -5.99 -21.32 15.47
N ILE A 658 -5.23 -20.50 14.72
CA ILE A 658 -5.49 -19.06 14.79
C ILE A 658 -6.91 -18.80 14.29
N ALA A 659 -7.32 -19.35 13.17
CA ALA A 659 -8.67 -19.07 12.68
C ALA A 659 -9.76 -19.50 13.66
N GLU A 660 -9.58 -20.70 14.19
CA GLU A 660 -10.57 -21.22 15.09
C GLU A 660 -10.61 -20.50 16.38
N VAL A 661 -9.47 -20.03 16.91
CA VAL A 661 -9.42 -19.24 18.12
C VAL A 661 -10.12 -17.87 17.92
N ARG A 662 -9.88 -17.29 16.75
CA ARG A 662 -10.55 -16.02 16.42
C ARG A 662 -12.07 -16.16 16.43
N GLU A 663 -12.56 -17.26 15.84
CA GLU A 663 -13.98 -17.51 15.88
C GLU A 663 -14.48 -17.73 17.31
N ALA A 664 -13.75 -18.58 18.04
CA ALA A 664 -14.21 -18.88 19.40
C ALA A 664 -14.20 -17.70 20.27
N LEU A 665 -13.21 -16.84 20.17
CA LEU A 665 -13.15 -15.63 20.93
C LEU A 665 -14.36 -14.70 20.61
N THR A 666 -14.69 -14.60 19.29
CA THR A 666 -15.86 -13.90 18.87
C THR A 666 -17.13 -14.47 19.48
N ARG A 667 -17.27 -15.80 19.49
CA ARG A 667 -18.44 -16.43 20.07
C ARG A 667 -18.51 -16.22 21.53
N THR A 668 -17.39 -16.34 22.24
CA THR A 668 -17.35 -16.09 23.70
C THR A 668 -17.80 -14.68 24.08
N LEU A 669 -17.28 -13.68 23.36
CA LEU A 669 -17.63 -12.30 23.64
C LEU A 669 -19.07 -12.05 23.25
N ALA A 670 -19.52 -12.65 22.17
CA ALA A 670 -20.91 -12.55 21.71
C ALA A 670 -21.88 -12.99 22.84
N THR A 671 -21.51 -14.12 23.44
CA THR A 671 -22.33 -14.67 24.59
C THR A 671 -22.20 -13.78 25.82
N GLU A 672 -21.00 -13.44 26.27
CA GLU A 672 -20.79 -12.71 27.47
C GLU A 672 -21.36 -11.30 27.40
N LEU A 673 -21.36 -10.67 26.19
CA LEU A 673 -21.73 -9.30 26.05
C LEU A 673 -23.02 -9.13 25.25
N ALA A 674 -23.82 -10.18 25.10
CA ALA A 674 -24.98 -10.16 24.21
C ALA A 674 -25.89 -8.95 24.38
N ASP A 675 -26.25 -8.69 25.66
CA ASP A 675 -27.23 -7.63 25.90
C ASP A 675 -26.63 -6.27 25.55
N GLU A 676 -25.37 -6.05 25.89
CA GLU A 676 -24.71 -4.77 25.70
C GLU A 676 -24.48 -4.53 24.19
N LEU A 677 -24.07 -5.57 23.48
CA LEU A 677 -23.87 -5.52 22.01
C LEU A 677 -25.16 -5.14 21.30
N LEU A 678 -26.30 -5.73 21.67
CA LEU A 678 -27.55 -5.40 21.03
C LEU A 678 -27.96 -3.99 21.39
N ALA A 679 -27.72 -3.54 22.61
CA ALA A 679 -28.10 -2.16 22.97
C ALA A 679 -27.29 -1.15 22.12
N ILE A 680 -25.98 -1.37 22.03
CA ILE A 680 -25.14 -0.42 21.27
C ILE A 680 -25.42 -0.52 19.80
N TYR A 681 -25.66 -1.68 19.24
CA TYR A 681 -26.13 -1.87 17.87
C TYR A 681 -27.33 -0.98 17.55
N ASN A 682 -28.34 -1.05 18.45
CA ASN A 682 -29.50 -0.26 18.22
C ASN A 682 -29.30 1.19 18.46
N ALA A 683 -28.47 1.59 19.41
CA ALA A 683 -28.26 2.96 19.76
C ALA A 683 -27.62 3.73 18.58
N ASN A 684 -26.87 3.01 17.76
CA ASN A 684 -26.11 3.64 16.66
C ASN A 684 -26.72 3.53 15.36
N TYR A 685 -27.98 3.10 15.28
CA TYR A 685 -28.72 3.24 14.06
C TYR A 685 -28.78 4.64 13.53
N GLN A 686 -28.51 4.75 12.22
CA GLN A 686 -28.63 6.06 11.48
C GLN A 686 -29.55 5.89 10.27
N SER A 687 -30.59 6.72 10.21
CA SER A 687 -31.46 6.61 9.03
C SER A 687 -30.90 7.31 7.80
N GLU A 688 -30.23 8.40 7.95
CA GLU A 688 -29.57 9.03 6.77
C GLU A 688 -28.17 8.40 6.57
N TYR A 689 -27.73 8.21 5.34
CA TYR A 689 -26.34 7.80 5.06
C TYR A 689 -25.53 9.01 4.66
N ARG A 690 -24.40 9.26 5.28
CA ARG A 690 -23.49 10.35 4.98
C ARG A 690 -22.08 9.76 5.03
N VAL A 691 -21.26 10.23 4.08
CA VAL A 691 -19.83 10.04 4.10
C VAL A 691 -19.20 11.15 4.83
N GLU A 692 -19.38 11.09 6.16
CA GLU A 692 -18.88 12.04 7.04
C GLU A 692 -18.33 11.28 8.28
N HIS A 693 -17.25 11.78 8.79
CA HIS A 693 -16.46 11.04 9.80
C HIS A 693 -17.21 10.67 11.05
N GLU A 694 -18.07 11.54 11.54
CA GLU A 694 -18.82 11.12 12.79
C GLU A 694 -19.77 10.02 12.46
N ASP A 695 -20.44 10.08 11.33
CA ASP A 695 -21.35 9.12 10.91
C ASP A 695 -20.64 7.76 10.66
N ILE A 696 -19.51 7.85 9.93
CA ILE A 696 -18.68 6.68 9.71
C ILE A 696 -18.34 5.97 11.03
N ALA A 697 -17.95 6.75 11.99
CA ALA A 697 -17.55 6.19 13.32
C ALA A 697 -18.73 5.42 13.90
N LYS A 698 -19.92 6.05 13.92
CA LYS A 698 -21.09 5.36 14.50
C LYS A 698 -21.43 4.07 13.78
N ARG A 699 -21.34 4.05 12.49
CA ARG A 699 -21.60 2.94 11.67
C ARG A 699 -20.58 1.85 11.89
N THR A 700 -19.30 2.20 12.00
CA THR A 700 -18.23 1.20 12.26
C THR A 700 -18.53 0.57 13.61
N LEU A 701 -18.93 1.33 14.58
CA LEU A 701 -19.26 0.76 15.90
C LEU A 701 -20.47 -0.19 15.82
N ARG A 702 -21.52 0.31 15.13
CA ARG A 702 -22.69 -0.54 14.94
C ARG A 702 -22.41 -1.86 14.26
N ASN A 703 -21.63 -1.84 13.18
CA ASN A 703 -21.26 -3.04 12.48
C ASN A 703 -20.23 -3.92 13.23
N ALA A 704 -19.43 -3.33 14.07
CA ALA A 704 -18.54 -4.08 14.97
C ALA A 704 -19.43 -4.88 15.92
N CYS A 705 -20.49 -4.27 16.42
CA CYS A 705 -21.42 -5.03 17.30
C CYS A 705 -22.15 -6.09 16.51
N LEU A 706 -22.56 -5.83 15.28
CA LEU A 706 -23.27 -6.77 14.49
C LEU A 706 -22.38 -8.01 14.23
N ARG A 707 -21.07 -7.83 14.05
CA ARG A 707 -20.18 -8.99 13.84
C ARG A 707 -20.30 -10.00 15.03
N PHE A 708 -20.24 -9.47 16.24
CA PHE A 708 -20.36 -10.36 17.45
C PHE A 708 -21.77 -10.94 17.47
N LEU A 709 -22.76 -10.13 17.25
CA LEU A 709 -24.15 -10.66 17.32
C LEU A 709 -24.40 -11.76 16.36
N ALA A 710 -23.78 -11.70 15.16
CA ALA A 710 -23.93 -12.73 14.21
C ALA A 710 -23.48 -14.13 14.72
N PHE A 711 -22.55 -14.11 15.63
CA PHE A 711 -21.91 -15.30 16.26
C PHE A 711 -22.57 -15.62 17.55
N GLY A 712 -23.69 -14.99 17.84
CA GLY A 712 -24.52 -15.33 18.99
C GLY A 712 -25.58 -16.35 18.71
N GLU A 713 -26.66 -16.27 19.46
CA GLU A 713 -27.71 -17.23 19.31
C GLU A 713 -28.21 -17.17 17.91
N THR A 714 -28.36 -18.33 17.28
CA THR A 714 -28.55 -18.49 15.85
C THR A 714 -29.77 -17.83 15.27
N HIS A 715 -30.95 -18.05 15.86
CA HIS A 715 -32.15 -17.37 15.37
C HIS A 715 -32.12 -15.85 15.45
N LEU A 716 -31.70 -15.27 16.56
CA LEU A 716 -31.60 -13.82 16.68
C LEU A 716 -30.59 -13.37 15.60
N ALA A 717 -29.47 -14.07 15.51
CA ALA A 717 -28.41 -13.66 14.53
C ALA A 717 -28.97 -13.61 13.16
N ASP A 718 -29.63 -14.69 12.72
CA ASP A 718 -30.15 -14.79 11.36
C ASP A 718 -31.11 -13.66 11.08
N VAL A 719 -31.99 -13.38 12.03
CA VAL A 719 -32.98 -12.27 11.86
C VAL A 719 -32.27 -10.91 11.68
N LEU A 720 -31.33 -10.62 12.58
CA LEU A 720 -30.69 -9.31 12.64
C LEU A 720 -29.96 -9.14 11.30
N VAL A 721 -29.24 -10.17 10.92
CA VAL A 721 -28.30 -10.00 9.76
C VAL A 721 -29.11 -9.90 8.48
N SER A 722 -30.11 -10.80 8.29
CA SER A 722 -30.91 -10.75 7.13
CA SER A 722 -30.86 -10.73 7.08
C SER A 722 -31.66 -9.40 7.00
N LYS A 723 -32.17 -8.90 8.09
CA LYS A 723 -32.87 -7.61 8.07
C LYS A 723 -31.96 -6.48 7.68
N GLN A 724 -30.75 -6.47 8.27
CA GLN A 724 -29.81 -5.40 7.85
C GLN A 724 -29.50 -5.48 6.39
N PHE A 725 -29.24 -6.64 5.83
CA PHE A 725 -28.91 -6.78 4.45
C PHE A 725 -30.07 -6.20 3.59
N HIS A 726 -31.29 -6.66 3.88
CA HIS A 726 -32.47 -6.22 3.07
C HIS A 726 -32.83 -4.75 3.30
N GLU A 727 -32.68 -4.19 4.44
CA GLU A 727 -33.11 -2.86 4.77
C GLU A 727 -32.01 -1.79 4.56
N ALA A 728 -30.78 -2.22 4.31
CA ALA A 728 -29.72 -1.25 4.17
C ALA A 728 -29.99 -0.31 3.01
N ASN A 729 -29.55 0.93 3.23
CA ASN A 729 -29.64 2.01 2.22
C ASN A 729 -28.27 2.45 1.75
N ASN A 730 -27.28 1.57 1.98
CA ASN A 730 -25.90 1.82 1.59
C ASN A 730 -25.14 0.51 1.57
N MET A 731 -24.04 0.47 0.78
CA MET A 731 -23.28 -0.76 0.67
C MET A 731 -22.51 -1.08 1.91
N THR A 732 -22.10 -0.10 2.72
CA THR A 732 -21.40 -0.43 3.96
C THR A 732 -22.22 -1.44 4.80
N ASP A 733 -23.44 -1.00 5.06
CA ASP A 733 -24.35 -1.83 5.87
C ASP A 733 -24.73 -3.11 5.23
N ALA A 734 -24.99 -3.13 3.94
CA ALA A 734 -25.36 -4.35 3.25
C ALA A 734 -24.19 -5.35 3.32
N LEU A 735 -22.96 -4.85 3.02
CA LEU A 735 -21.80 -5.78 3.00
C LEU A 735 -21.48 -6.21 4.41
N ALA A 736 -21.65 -5.42 5.41
CA ALA A 736 -21.31 -5.86 6.80
C ALA A 736 -22.23 -7.03 7.15
N ALA A 737 -23.52 -6.92 6.75
CA ALA A 737 -24.43 -8.04 6.99
C ALA A 737 -24.07 -9.24 6.21
N LEU A 738 -23.84 -9.12 4.91
CA LEU A 738 -23.48 -10.23 4.08
C LEU A 738 -22.23 -10.93 4.57
N SER A 739 -21.20 -10.14 4.95
CA SER A 739 -19.95 -10.75 5.46
C SER A 739 -20.21 -11.49 6.76
N ALA A 740 -21.07 -11.00 7.60
CA ALA A 740 -21.40 -11.70 8.89
C ALA A 740 -22.15 -12.97 8.61
N ALA A 741 -23.02 -12.99 7.63
CA ALA A 741 -23.74 -14.24 7.28
C ALA A 741 -22.78 -15.29 6.80
N VAL A 742 -21.78 -14.91 6.02
CA VAL A 742 -20.79 -15.89 5.61
C VAL A 742 -19.87 -16.30 6.73
N ALA A 743 -19.43 -15.38 7.54
CA ALA A 743 -18.45 -15.69 8.62
C ALA A 743 -19.06 -16.62 9.66
N ALA A 744 -20.35 -16.43 9.96
CA ALA A 744 -21.00 -17.20 11.02
C ALA A 744 -21.78 -18.35 10.35
N GLN A 745 -21.75 -18.55 9.06
CA GLN A 745 -22.42 -19.65 8.37
C GLN A 745 -23.89 -19.66 8.76
N LEU A 746 -24.53 -18.52 8.66
CA LEU A 746 -25.92 -18.38 9.07
C LEU A 746 -26.85 -18.99 8.08
N PRO A 747 -28.06 -19.40 8.53
CA PRO A 747 -29.04 -19.90 7.56
C PRO A 747 -29.30 -19.09 6.27
N CYS A 748 -29.36 -17.76 6.43
CA CYS A 748 -29.70 -16.85 5.34
C CYS A 748 -28.52 -16.70 4.36
N ARG A 749 -27.34 -17.24 4.68
CA ARG A 749 -26.16 -16.96 3.81
C ARG A 749 -26.42 -17.24 2.38
N ASP A 750 -26.85 -18.42 2.01
CA ASP A 750 -26.86 -18.75 0.55
C ASP A 750 -27.85 -17.94 -0.23
N ALA A 751 -28.99 -17.62 0.42
CA ALA A 751 -29.98 -16.73 -0.21
C ALA A 751 -29.43 -15.34 -0.46
N LEU A 752 -28.78 -14.80 0.56
CA LEU A 752 -28.24 -13.44 0.44
C LEU A 752 -27.11 -13.37 -0.60
N MET A 753 -26.24 -14.39 -0.62
CA MET A 753 -25.18 -14.42 -1.62
C MET A 753 -25.72 -14.53 -3.01
N GLN A 754 -26.82 -15.28 -3.22
CA GLN A 754 -27.37 -15.37 -4.55
C GLN A 754 -28.08 -14.09 -4.91
N GLU A 755 -28.72 -13.45 -3.97
CA GLU A 755 -29.31 -12.31 -4.15
CA GLU A 755 -29.35 -12.01 -4.28
C GLU A 755 -28.32 -11.16 -4.71
N TYR A 756 -27.22 -11.13 -4.02
CA TYR A 756 -26.14 -10.17 -4.41
C TYR A 756 -25.63 -10.45 -5.80
N ASP A 757 -25.33 -11.71 -6.12
CA ASP A 757 -24.85 -12.05 -7.45
C ASP A 757 -25.89 -11.61 -8.50
N ASP A 758 -27.18 -11.97 -8.21
CA ASP A 758 -28.20 -11.63 -9.22
C ASP A 758 -28.29 -10.12 -9.44
N LYS A 759 -28.12 -9.30 -8.40
CA LYS A 759 -28.21 -7.88 -8.53
C LYS A 759 -26.97 -7.24 -9.19
N TRP A 760 -25.78 -7.78 -8.82
CA TRP A 760 -24.56 -7.07 -9.09
C TRP A 760 -23.61 -7.71 -10.08
N HIS A 761 -23.94 -8.83 -10.67
CA HIS A 761 -22.99 -9.58 -11.49
C HIS A 761 -22.29 -8.82 -12.64
N GLN A 762 -22.99 -7.81 -13.19
CA GLN A 762 -22.47 -7.03 -14.29
C GLN A 762 -21.50 -5.97 -13.78
N ASN A 763 -21.33 -5.79 -12.45
CA ASN A 763 -20.51 -4.72 -11.92
C ASN A 763 -19.23 -5.33 -11.24
N GLY A 764 -18.13 -5.36 -11.97
CA GLY A 764 -16.94 -6.09 -11.45
C GLY A 764 -16.47 -5.59 -10.13
N LEU A 765 -16.43 -4.27 -9.89
CA LEU A 765 -15.96 -3.77 -8.62
C LEU A 765 -16.79 -4.19 -7.42
N VAL A 766 -18.14 -4.22 -7.63
CA VAL A 766 -19.00 -4.69 -6.57
C VAL A 766 -18.83 -6.22 -6.44
N MET A 767 -18.68 -6.94 -7.57
CA MET A 767 -18.52 -8.41 -7.43
C MET A 767 -17.18 -8.76 -6.72
N ASP A 768 -16.15 -7.93 -6.83
CA ASP A 768 -14.91 -8.21 -6.08
C ASP A 768 -15.18 -8.43 -4.62
N LYS A 769 -16.08 -7.69 -4.00
CA LYS A 769 -16.41 -7.85 -2.58
C LYS A 769 -16.96 -9.24 -2.35
N TRP A 770 -17.78 -9.66 -3.26
CA TRP A 770 -18.43 -10.99 -3.16
C TRP A 770 -17.45 -12.11 -3.40
N PHE A 771 -16.55 -11.96 -4.35
CA PHE A 771 -15.46 -12.97 -4.51
C PHE A 771 -14.63 -13.05 -3.23
N ILE A 772 -14.29 -11.90 -2.61
CA ILE A 772 -13.50 -11.91 -1.36
C ILE A 772 -14.23 -12.72 -0.29
N LEU A 773 -15.55 -12.49 -0.11
CA LEU A 773 -16.35 -13.23 0.88
C LEU A 773 -16.30 -14.71 0.52
N GLN A 774 -16.44 -15.08 -0.74
CA GLN A 774 -16.36 -16.49 -1.13
C GLN A 774 -15.01 -17.09 -0.74
N ALA A 775 -13.95 -16.36 -1.09
CA ALA A 775 -12.56 -16.86 -0.88
C ALA A 775 -12.20 -16.96 0.50
N THR A 776 -12.77 -16.14 1.38
CA THR A 776 -12.39 -16.08 2.78
C THR A 776 -13.37 -16.84 3.66
N SER A 777 -14.31 -17.61 3.07
CA SER A 777 -15.34 -18.28 3.82
C SER A 777 -14.75 -19.34 4.74
N PRO A 778 -15.35 -19.50 5.89
CA PRO A 778 -14.90 -20.57 6.78
C PRO A 778 -15.49 -21.90 6.42
N ALA A 779 -16.30 -21.99 5.42
CA ALA A 779 -16.97 -23.23 5.05
C ALA A 779 -15.97 -24.31 4.71
N ALA A 780 -16.36 -25.55 5.05
CA ALA A 780 -15.48 -26.64 4.73
C ALA A 780 -15.13 -26.88 3.28
N ASN A 781 -16.04 -26.56 2.40
CA ASN A 781 -15.85 -26.76 0.99
C ASN A 781 -15.46 -25.44 0.25
N VAL A 782 -14.73 -24.59 0.98
CA VAL A 782 -14.39 -23.27 0.32
C VAL A 782 -13.53 -23.47 -0.93
N LEU A 783 -12.57 -24.37 -0.92
CA LEU A 783 -11.74 -24.52 -2.10
C LEU A 783 -12.51 -24.99 -3.31
N GLU A 784 -13.39 -25.97 -3.15
CA GLU A 784 -14.26 -26.40 -4.23
C GLU A 784 -15.08 -25.20 -4.80
N THR A 785 -15.60 -24.37 -3.87
CA THR A 785 -16.38 -23.21 -4.27
C THR A 785 -15.50 -22.25 -5.10
N VAL A 786 -14.32 -21.95 -4.56
CA VAL A 786 -13.39 -21.04 -5.27
C VAL A 786 -13.01 -21.55 -6.66
N ARG A 787 -12.68 -22.86 -6.80
CA ARG A 787 -12.37 -23.42 -8.07
C ARG A 787 -13.53 -23.27 -9.02
N GLY A 788 -14.74 -23.55 -8.56
CA GLY A 788 -15.91 -23.37 -9.38
C GLY A 788 -16.13 -21.95 -9.88
N LEU A 789 -15.81 -20.99 -9.01
CA LEU A 789 -15.88 -19.58 -9.36
C LEU A 789 -14.91 -19.10 -10.37
N LEU A 790 -13.92 -19.90 -10.76
CA LEU A 790 -13.14 -19.57 -11.94
C LEU A 790 -13.98 -19.50 -13.17
N GLN A 791 -15.10 -20.18 -13.18
CA GLN A 791 -16.01 -20.15 -14.29
C GLN A 791 -17.16 -19.21 -14.11
N HIS A 792 -17.16 -18.42 -13.05
CA HIS A 792 -18.26 -17.52 -12.77
C HIS A 792 -18.35 -16.43 -13.85
N ARG A 793 -19.60 -16.02 -14.16
CA ARG A 793 -19.88 -14.92 -15.13
C ARG A 793 -19.22 -13.60 -14.88
N SER A 794 -18.85 -13.34 -13.65
CA SER A 794 -18.19 -12.11 -13.30
C SER A 794 -16.70 -12.27 -13.11
N PHE A 795 -16.14 -13.46 -13.29
CA PHE A 795 -14.72 -13.64 -13.06
C PHE A 795 -14.03 -13.71 -14.39
N THR A 796 -12.80 -13.21 -14.50
CA THR A 796 -11.93 -13.47 -15.62
C THR A 796 -10.45 -13.38 -15.24
N MET A 797 -9.62 -14.32 -15.71
CA MET A 797 -8.20 -14.37 -15.51
C MET A 797 -7.50 -13.26 -16.23
N SER A 798 -8.21 -12.52 -17.07
CA SER A 798 -7.56 -11.40 -17.74
C SER A 798 -7.62 -10.08 -16.90
N ASN A 799 -8.24 -10.07 -15.72
CA ASN A 799 -8.42 -8.81 -15.00
C ASN A 799 -7.75 -8.94 -13.64
N PRO A 800 -6.71 -8.15 -13.33
CA PRO A 800 -6.00 -8.23 -12.04
C PRO A 800 -6.92 -8.07 -10.86
N ASN A 801 -7.92 -7.18 -10.89
CA ASN A 801 -8.78 -7.02 -9.76
C ASN A 801 -9.57 -8.33 -9.49
N ARG A 802 -10.10 -8.99 -10.52
CA ARG A 802 -10.82 -10.26 -10.28
C ARG A 802 -9.87 -11.33 -9.73
N ILE A 803 -8.67 -11.41 -10.31
CA ILE A 803 -7.69 -12.38 -9.84
C ILE A 803 -7.40 -12.17 -8.34
N ARG A 804 -7.12 -10.93 -7.93
CA ARG A 804 -6.82 -10.62 -6.54
C ARG A 804 -7.99 -10.94 -5.65
N SER A 805 -9.20 -10.64 -6.08
CA SER A 805 -10.35 -10.77 -5.25
CA SER A 805 -10.34 -10.78 -5.21
C SER A 805 -10.77 -12.21 -5.00
N LEU A 806 -10.49 -13.07 -5.95
CA LEU A 806 -10.79 -14.52 -5.77
C LEU A 806 -9.58 -15.34 -5.32
N ILE A 807 -8.56 -15.39 -6.20
CA ILE A 807 -7.41 -16.27 -5.96
C ILE A 807 -6.55 -15.69 -4.85
N GLY A 808 -6.23 -14.39 -4.97
CA GLY A 808 -5.43 -13.73 -3.96
C GLY A 808 -5.99 -13.77 -2.58
N ALA A 809 -7.30 -13.47 -2.47
CA ALA A 809 -7.93 -13.49 -1.18
C ALA A 809 -7.91 -14.91 -0.58
N PHE A 810 -8.04 -15.90 -1.42
CA PHE A 810 -8.00 -17.29 -0.89
C PHE A 810 -6.65 -17.55 -0.30
N ALA A 811 -5.61 -17.35 -1.10
CA ALA A 811 -4.27 -17.71 -0.65
C ALA A 811 -3.73 -16.90 0.46
N GLY A 812 -3.99 -15.58 0.39
CA GLY A 812 -3.54 -14.63 1.34
C GLY A 812 -4.37 -14.28 2.50
N SER A 813 -5.68 -14.34 2.36
CA SER A 813 -6.56 -14.00 3.43
C SER A 813 -7.45 -15.10 3.90
N ASN A 814 -7.20 -16.34 3.47
CA ASN A 814 -7.83 -17.50 4.08
C ASN A 814 -6.73 -18.51 4.47
N PRO A 815 -5.78 -18.09 5.30
CA PRO A 815 -4.62 -18.95 5.56
C PRO A 815 -5.10 -20.30 6.11
N ALA A 816 -6.20 -20.41 6.82
CA ALA A 816 -6.68 -21.69 7.28
C ALA A 816 -7.04 -22.69 6.19
N ALA A 817 -7.65 -22.25 5.11
CA ALA A 817 -7.95 -23.06 3.97
C ALA A 817 -6.77 -23.21 3.02
N PHE A 818 -6.01 -22.12 2.81
CA PHE A 818 -4.80 -22.25 2.03
C PHE A 818 -3.86 -23.29 2.54
N HIS A 819 -3.77 -23.31 3.87
CA HIS A 819 -2.87 -24.26 4.56
C HIS A 819 -3.63 -25.51 5.04
N ALA A 820 -4.67 -25.92 4.36
CA ALA A 820 -5.34 -27.21 4.62
C ALA A 820 -4.26 -28.30 4.62
N GLU A 821 -4.43 -29.18 5.62
CA GLU A 821 -3.45 -30.19 5.87
C GLU A 821 -3.23 -31.13 4.68
N ASP A 822 -4.22 -31.28 3.83
CA ASP A 822 -4.07 -32.12 2.63
C ASP A 822 -3.20 -31.51 1.54
N GLY A 823 -2.75 -30.25 1.70
CA GLY A 823 -1.93 -29.56 0.71
C GLY A 823 -2.68 -29.00 -0.54
N SER A 824 -4.03 -29.11 -0.55
CA SER A 824 -4.83 -28.77 -1.68
C SER A 824 -4.67 -27.26 -1.99
N GLY A 825 -4.53 -26.48 -0.96
CA GLY A 825 -4.40 -25.05 -1.20
C GLY A 825 -3.18 -24.70 -1.98
N TYR A 826 -2.03 -25.36 -1.67
CA TYR A 826 -0.81 -25.09 -2.35
C TYR A 826 -0.97 -25.52 -3.82
N LEU A 827 -1.54 -26.71 -4.05
CA LEU A 827 -1.72 -27.20 -5.40
C LEU A 827 -2.56 -26.24 -6.26
N PHE A 828 -3.59 -25.71 -5.71
CA PHE A 828 -4.47 -24.78 -6.41
C PHE A 828 -3.66 -23.51 -6.79
N LEU A 829 -2.85 -23.02 -5.85
CA LEU A 829 -2.07 -21.80 -6.16
C LEU A 829 -1.04 -22.08 -7.23
N VAL A 830 -0.41 -23.25 -7.21
CA VAL A 830 0.55 -23.61 -8.27
C VAL A 830 -0.17 -23.61 -9.65
N GLU A 831 -1.37 -24.16 -9.74
CA GLU A 831 -2.10 -24.15 -10.99
C GLU A 831 -2.34 -22.75 -11.50
N MET A 832 -2.76 -21.91 -10.58
CA MET A 832 -3.06 -20.51 -11.02
C MET A 832 -1.78 -19.79 -11.42
N LEU A 833 -0.68 -19.98 -10.68
CA LEU A 833 0.58 -19.35 -10.96
C LEU A 833 1.22 -19.80 -12.27
N THR A 834 0.95 -21.09 -12.61
CA THR A 834 1.43 -21.62 -13.85
C THR A 834 0.81 -20.80 -15.01
N ASP A 835 -0.50 -20.45 -14.93
CA ASP A 835 -1.09 -19.52 -15.94
C ASP A 835 -0.51 -18.14 -15.81
N LEU A 836 -0.53 -17.61 -14.62
CA LEU A 836 -0.19 -16.15 -14.49
C LEU A 836 1.23 -15.85 -14.75
N ASN A 837 2.18 -16.80 -14.52
CA ASN A 837 3.54 -16.54 -14.78
C ASN A 837 3.75 -16.08 -16.26
N SER A 838 3.00 -16.69 -17.17
CA SER A 838 3.06 -16.39 -18.58
C SER A 838 2.23 -15.13 -18.92
N ARG A 839 1.10 -15.02 -18.28
CA ARG A 839 0.13 -13.96 -18.64
C ARG A 839 0.49 -12.59 -18.07
N ASN A 840 0.78 -12.59 -16.75
CA ASN A 840 0.91 -11.33 -16.06
C ASN A 840 1.82 -11.61 -14.85
N PRO A 841 3.14 -11.54 -15.07
CA PRO A 841 4.08 -11.83 -13.99
C PRO A 841 3.96 -10.96 -12.81
N GLN A 842 3.60 -9.68 -12.95
CA GLN A 842 3.49 -8.84 -11.77
C GLN A 842 2.41 -9.37 -10.85
N VAL A 843 1.25 -9.78 -11.42
CA VAL A 843 0.15 -10.28 -10.58
C VAL A 843 0.57 -11.64 -10.03
N ALA A 844 1.29 -12.43 -10.81
CA ALA A 844 1.73 -13.72 -10.31
C ALA A 844 2.63 -13.51 -9.08
N SER A 845 3.54 -12.55 -9.15
CA SER A 845 4.46 -12.33 -8.03
C SER A 845 3.78 -11.85 -6.81
N ARG A 846 2.73 -11.05 -6.95
CA ARG A 846 1.90 -10.70 -5.81
C ARG A 846 1.31 -11.96 -5.16
N LEU A 847 0.80 -12.83 -5.99
CA LEU A 847 0.06 -14.04 -5.56
C LEU A 847 0.94 -15.12 -5.02
N ILE A 848 2.22 -15.12 -5.29
CA ILE A 848 3.11 -16.22 -4.76
C ILE A 848 3.46 -15.95 -3.32
N GLU A 849 3.25 -14.71 -2.83
CA GLU A 849 3.74 -14.37 -1.51
C GLU A 849 3.39 -15.38 -0.41
N PRO A 850 2.16 -15.89 -0.34
CA PRO A 850 1.87 -16.83 0.76
C PRO A 850 2.71 -18.09 0.75
N LEU A 851 3.24 -18.50 -0.38
CA LEU A 851 4.11 -19.69 -0.41
C LEU A 851 5.47 -19.39 0.00
N ILE A 852 5.98 -18.15 -0.14
CA ILE A 852 7.34 -17.87 0.25
C ILE A 852 7.57 -17.75 1.78
N ARG A 853 6.44 -17.84 2.55
CA ARG A 853 6.40 -17.79 3.98
C ARG A 853 6.56 -19.15 4.60
N LEU A 854 6.95 -20.15 3.85
CA LEU A 854 7.00 -21.53 4.34
C LEU A 854 7.78 -21.72 5.58
N LYS A 855 8.85 -21.02 5.85
CA LYS A 855 9.66 -21.27 7.08
C LYS A 855 8.93 -20.89 8.36
N ARG A 856 7.81 -20.15 8.27
CA ARG A 856 7.01 -19.89 9.47
C ARG A 856 6.10 -21.06 9.81
N TYR A 857 5.99 -22.13 9.04
CA TYR A 857 4.99 -23.19 9.28
C TYR A 857 5.68 -24.49 9.73
N ASP A 858 4.81 -25.42 10.12
CA ASP A 858 5.36 -26.68 10.68
C ASP A 858 6.01 -27.46 9.59
N ALA A 859 6.79 -28.49 10.00
CA ALA A 859 7.53 -29.23 8.97
C ALA A 859 6.76 -29.85 7.90
N LYS A 860 5.61 -30.45 8.16
CA LYS A 860 4.85 -31.10 7.18
C LYS A 860 4.34 -30.11 6.13
N ARG A 861 3.84 -28.96 6.62
CA ARG A 861 3.45 -27.87 5.67
C ARG A 861 4.63 -27.36 4.94
N GLN A 862 5.77 -27.15 5.58
CA GLN A 862 6.96 -26.66 4.88
C GLN A 862 7.35 -27.57 3.77
N GLU A 863 7.29 -28.89 3.97
CA GLU A 863 7.62 -29.82 2.92
C GLU A 863 6.72 -29.71 1.65
N LYS A 864 5.42 -29.52 1.86
CA LYS A 864 4.45 -29.40 0.80
C LYS A 864 4.65 -28.07 0.10
N MET A 865 4.97 -27.05 0.89
CA MET A 865 5.07 -25.69 0.23
C MET A 865 6.38 -25.69 -0.59
N ARG A 866 7.45 -26.31 -0.08
CA ARG A 866 8.70 -26.43 -0.77
C ARG A 866 8.53 -27.18 -2.09
N ALA A 867 7.81 -28.28 -2.11
CA ALA A 867 7.53 -29.01 -3.32
C ALA A 867 6.78 -28.17 -4.36
N ALA A 868 5.82 -27.38 -3.86
CA ALA A 868 5.11 -26.44 -4.74
C ALA A 868 6.03 -25.42 -5.37
N LEU A 869 6.88 -24.83 -4.57
CA LEU A 869 7.91 -23.89 -5.04
C LEU A 869 8.86 -24.54 -6.06
N GLU A 870 9.28 -25.78 -5.77
CA GLU A 870 10.13 -26.53 -6.69
CA GLU A 870 10.16 -26.45 -6.72
C GLU A 870 9.48 -26.75 -8.06
N GLN A 871 8.17 -27.00 -8.06
CA GLN A 871 7.38 -27.18 -9.27
C GLN A 871 7.41 -25.90 -10.07
N LEU A 872 7.17 -24.78 -9.37
CA LEU A 872 7.19 -23.48 -10.07
C LEU A 872 8.58 -23.13 -10.57
N LYS A 873 9.65 -23.45 -9.81
CA LYS A 873 11.03 -23.15 -10.25
C LYS A 873 11.32 -23.81 -11.61
N GLY A 874 10.63 -24.91 -11.86
CA GLY A 874 10.82 -25.64 -13.09
C GLY A 874 10.01 -25.24 -14.29
N LEU A 875 9.18 -24.18 -14.20
CA LEU A 875 8.34 -23.77 -15.30
C LEU A 875 9.20 -23.37 -16.46
N GLU A 876 8.70 -23.70 -17.65
CA GLU A 876 9.25 -23.11 -18.87
C GLU A 876 8.97 -21.61 -18.80
N ASN A 877 9.91 -20.85 -19.24
CA ASN A 877 9.83 -19.41 -19.33
C ASN A 877 9.37 -18.85 -17.97
N LEU A 878 10.06 -19.27 -16.91
CA LEU A 878 9.85 -18.68 -15.59
C LEU A 878 10.22 -17.23 -15.65
N SER A 879 9.26 -16.39 -15.17
CA SER A 879 9.50 -14.99 -15.13
C SER A 879 10.57 -14.62 -14.11
N GLY A 880 11.30 -13.53 -14.34
CA GLY A 880 12.25 -12.97 -13.34
C GLY A 880 11.55 -12.67 -12.04
N ASP A 881 10.30 -12.16 -12.18
CA ASP A 881 9.51 -11.73 -11.02
C ASP A 881 9.35 -12.88 -10.07
N LEU A 882 8.96 -14.05 -10.59
CA LEU A 882 8.82 -15.25 -9.74
C LEU A 882 10.16 -15.88 -9.36
N TYR A 883 11.12 -15.87 -10.27
CA TYR A 883 12.47 -16.45 -10.03
C TYR A 883 13.11 -15.84 -8.80
N GLU A 884 12.99 -14.52 -8.66
CA GLU A 884 13.57 -13.89 -7.53
C GLU A 884 13.03 -14.41 -6.22
N LYS A 885 11.71 -14.44 -6.14
CA LYS A 885 11.04 -14.89 -4.89
C LYS A 885 11.29 -16.31 -4.57
N ILE A 886 11.16 -17.14 -5.60
CA ILE A 886 11.27 -18.66 -5.46
C ILE A 886 12.72 -18.95 -4.99
N THR A 887 13.71 -18.30 -5.59
CA THR A 887 15.13 -18.68 -5.22
C THR A 887 15.37 -18.26 -3.78
N LYS A 888 14.89 -17.09 -3.35
CA LYS A 888 15.06 -16.70 -1.96
C LYS A 888 14.36 -17.69 -1.02
N ALA A 889 13.14 -18.09 -1.34
CA ALA A 889 12.37 -18.96 -0.54
C ALA A 889 12.98 -20.36 -0.33
N LEU A 890 13.58 -20.85 -1.40
CA LEU A 890 14.17 -22.20 -1.40
C LEU A 890 15.56 -22.21 -0.87
N ALA A 891 16.16 -21.10 -0.62
CA ALA A 891 17.52 -21.03 0.00
C ALA A 891 17.52 -21.53 1.44
#